data_3UER
#
_entry.id   3UER
#
_cell.length_a   104.730
_cell.length_b   110.420
_cell.length_c   115.320
_cell.angle_alpha   90.00
_cell.angle_beta   90.00
_cell.angle_gamma   90.00
#
_symmetry.space_group_name_H-M   'C 2 2 21'
#
loop_
_entity.id
_entity.type
_entity.pdbx_description
1 polymer Amylosucrase
2 branched alpha-D-glucopyranose-(1-3)-alpha-D-fructofuranose
3 branched alpha-D-glucopyranose-(1-3)-beta-D-fructofuranose
4 water water
#
_entity_poly.entity_id   1
_entity_poly.type   'polypeptide(L)'
_entity_poly.pdbx_seq_one_letter_code
;GPLGSMLKDVLTSELAAQVRDAFDDDRDAETFLLRLERYGEDLWESLRAVYGDQVRALPGRLLEVMLHAYHARPAELRRL
DEARLLRPDWLQRPEMVGYVAYTDRFAGTLKGVEERLDYLEGLGVKYLHLMPLLRPREGENDGGYAVQDYRAVRPDLGTM
DDLSALARALRGRGISLVLDLVLNHVAREHAWAQKARAGDPKYRAYFHLFPDRRGPDAFEATLPEIFPDFAPGNFSWDEE
IGEGEGGWVWTTFNSYQWDLNWANPDVFLEFVDIILYLANRGVEVFRLDAIAFIWKRLGTDCQNQPEVHHLTRALRAAAR
IVAPAVAFKAEAIVAPADLIHYLGTRAHHGKVSDMAYHNSLMVQLWSSLASRNTRLFEEALRAFPPKPTSTTWGLYVRCH
DDIGWAISDEDAARAGLNGAAHRHFLSDFYSGQFPGSFARGLVFQYNPVNGDRRISGSAASLAGLEAALETGDPGRIEDA
VRRLLLLHTVILGFGGVPLLYMGDELALLNDYAFEDVPEHAPDNRWVHRPQMDWALAERVRQEPSSPAGRVNTGLRHLLR
VRRDTPQLHASIESQVLPSPDSRALLLRRDHPLGGMVQVYNFSEETVMLPSHVLRDVLGDHVQDRLSGSAFRLDRPTVRL
EGYRALWLTAGEAPA
;
_entity_poly.pdbx_strand_id   A
#
# COMPACT_ATOMS: atom_id res chain seq x y z
N GLY A 1 4.26 -41.89 -8.44
CA GLY A 1 5.04 -43.16 -8.35
C GLY A 1 6.26 -43.00 -9.27
N PRO A 2 6.88 -44.13 -9.70
CA PRO A 2 8.12 -44.07 -10.45
C PRO A 2 8.07 -43.23 -11.74
N LEU A 3 7.00 -43.38 -12.54
CA LEU A 3 6.89 -42.65 -13.85
C LEU A 3 6.96 -41.14 -13.63
N GLY A 4 6.07 -40.65 -12.74
CA GLY A 4 6.06 -39.25 -12.30
C GLY A 4 7.37 -38.74 -11.70
N SER A 5 7.94 -39.53 -10.78
CA SER A 5 9.27 -39.32 -10.15
C SER A 5 10.42 -39.12 -11.13
N MET A 6 10.53 -40.04 -12.08
CA MET A 6 11.56 -39.98 -13.14
C MET A 6 11.48 -38.67 -13.98
N LEU A 7 10.25 -38.24 -14.31
CA LEU A 7 10.07 -37.00 -15.11
C LEU A 7 10.54 -35.78 -14.29
N LYS A 8 10.22 -35.79 -12.99
CA LYS A 8 10.57 -34.71 -12.11
C LYS A 8 12.12 -34.65 -11.97
N ASP A 9 12.75 -35.83 -11.86
CA ASP A 9 14.20 -35.98 -11.85
C ASP A 9 14.86 -35.36 -13.07
N VAL A 10 14.35 -35.70 -14.26
CA VAL A 10 14.87 -35.15 -15.51
C VAL A 10 14.74 -33.62 -15.53
N LEU A 11 13.59 -33.08 -15.12
CA LEU A 11 13.38 -31.63 -15.05
C LEU A 11 14.43 -30.97 -14.13
N THR A 12 14.52 -31.43 -12.89
CA THR A 12 15.51 -30.90 -11.96
C THR A 12 16.90 -30.84 -12.56
N SER A 13 17.32 -31.91 -13.19
CA SER A 13 18.64 -31.91 -13.73
C SER A 13 18.77 -31.03 -14.97
N GLU A 14 17.67 -30.84 -15.71
CA GLU A 14 17.73 -29.87 -16.80
C GLU A 14 17.83 -28.46 -16.20
N LEU A 15 17.09 -28.18 -15.11
CA LEU A 15 17.19 -26.82 -14.51
C LEU A 15 18.65 -26.58 -14.06
N ALA A 16 19.23 -27.56 -13.34
CA ALA A 16 20.60 -27.47 -12.79
C ALA A 16 21.62 -27.23 -13.90
N ALA A 17 21.47 -27.96 -15.01
CA ALA A 17 22.40 -27.90 -16.13
C ALA A 17 22.41 -26.48 -16.73
N GLN A 18 21.22 -25.88 -16.88
CA GLN A 18 21.12 -24.55 -17.52
C GLN A 18 21.79 -23.49 -16.65
N VAL A 19 21.61 -23.59 -15.33
CA VAL A 19 22.25 -22.69 -14.35
C VAL A 19 23.80 -22.84 -14.39
N ARG A 20 24.32 -24.06 -14.25
N ARG A 20 24.27 -24.09 -14.28
CA ARG A 20 25.78 -24.24 -14.33
CA ARG A 20 25.70 -24.47 -14.33
C ARG A 20 26.36 -23.75 -15.65
C ARG A 20 26.43 -24.04 -15.62
N ASP A 21 25.74 -24.09 -16.76
CA ASP A 21 26.24 -23.64 -18.09
C ASP A 21 26.35 -22.11 -18.17
N ALA A 22 25.51 -21.40 -17.42
CA ALA A 22 25.41 -19.94 -17.48
C ALA A 22 26.49 -19.14 -16.72
N PHE A 23 27.20 -19.78 -15.78
CA PHE A 23 28.24 -19.11 -14.97
C PHE A 23 29.62 -19.69 -15.15
N ASP A 24 30.59 -18.82 -15.39
CA ASP A 24 31.97 -19.27 -15.47
C ASP A 24 32.54 -19.43 -14.08
N ASP A 25 32.08 -18.54 -13.19
CA ASP A 25 32.44 -18.53 -11.75
C ASP A 25 31.53 -19.50 -10.94
N ASP A 26 32.11 -20.57 -10.43
CA ASP A 26 31.31 -21.62 -9.78
C ASP A 26 30.58 -21.21 -8.47
N ARG A 27 31.00 -20.13 -7.83
CA ARG A 27 30.36 -19.67 -6.59
C ARG A 27 29.01 -19.07 -6.95
N ASP A 28 28.99 -18.38 -8.09
CA ASP A 28 27.78 -17.77 -8.58
C ASP A 28 26.73 -18.82 -8.96
N ALA A 29 27.20 -19.87 -9.63
CA ALA A 29 26.34 -20.98 -10.03
C ALA A 29 25.81 -21.64 -8.78
N GLU A 30 26.68 -21.89 -7.81
CA GLU A 30 26.24 -22.51 -6.55
C GLU A 30 25.22 -21.61 -5.77
N THR A 31 25.43 -20.30 -5.80
CA THR A 31 24.54 -19.36 -5.13
C THR A 31 23.16 -19.41 -5.81
N PHE A 32 23.18 -19.34 -7.15
CA PHE A 32 21.96 -19.32 -7.92
C PHE A 32 21.20 -20.58 -7.60
N LEU A 33 21.91 -21.72 -7.63
N LEU A 33 21.88 -21.74 -7.64
CA LEU A 33 21.29 -23.02 -7.43
CA LEU A 33 21.21 -23.02 -7.39
C LEU A 33 20.67 -23.19 -6.04
C LEU A 33 20.58 -23.07 -6.02
N LEU A 34 21.33 -22.62 -5.02
CA LEU A 34 20.81 -22.66 -3.62
C LEU A 34 19.53 -21.84 -3.54
N ARG A 35 19.53 -20.70 -4.20
CA ARG A 35 18.30 -19.89 -4.22
C ARG A 35 17.19 -20.62 -4.96
N LEU A 36 17.52 -21.16 -6.12
CA LEU A 36 16.55 -22.00 -6.86
C LEU A 36 16.01 -23.18 -5.99
N GLU A 37 16.87 -23.83 -5.22
CA GLU A 37 16.44 -24.86 -4.30
C GLU A 37 15.56 -24.30 -3.20
N ARG A 38 15.93 -23.16 -2.60
CA ARG A 38 15.07 -22.56 -1.60
C ARG A 38 13.66 -22.16 -2.14
N TYR A 39 13.62 -21.56 -3.32
CA TYR A 39 12.35 -21.00 -3.83
C TYR A 39 11.67 -21.78 -4.99
N GLY A 40 12.36 -22.75 -5.53
CA GLY A 40 11.90 -23.55 -6.68
C GLY A 40 10.52 -24.13 -6.51
N GLU A 41 10.29 -24.72 -5.35
CA GLU A 41 9.04 -25.35 -5.11
C GLU A 41 7.92 -24.34 -5.05
N ASP A 42 8.13 -23.21 -4.39
CA ASP A 42 7.13 -22.17 -4.47
C ASP A 42 6.95 -21.61 -5.87
N LEU A 43 8.03 -21.50 -6.63
CA LEU A 43 7.97 -20.92 -7.97
C LEU A 43 7.15 -21.87 -8.93
N TRP A 44 7.61 -23.10 -9.10
CA TRP A 44 6.99 -24.10 -10.04
C TRP A 44 5.63 -24.59 -9.65
N GLU A 45 5.41 -24.86 -8.36
CA GLU A 45 4.09 -25.31 -7.94
C GLU A 45 3.05 -24.21 -8.12
N SER A 46 3.44 -22.98 -7.82
CA SER A 46 2.52 -21.85 -8.03
C SER A 46 2.22 -21.69 -9.52
N LEU A 47 3.26 -21.74 -10.34
CA LEU A 47 3.09 -21.64 -11.80
C LEU A 47 2.17 -22.79 -12.35
N ARG A 48 2.37 -24.02 -11.87
CA ARG A 48 1.53 -25.15 -12.34
C ARG A 48 0.10 -25.00 -11.86
N ALA A 49 -0.08 -24.36 -10.70
CA ALA A 49 -1.42 -24.13 -10.19
C ALA A 49 -2.18 -23.13 -11.04
N VAL A 50 -1.48 -22.31 -11.81
CA VAL A 50 -2.18 -21.33 -12.57
C VAL A 50 -2.19 -21.77 -14.03
N TYR A 51 -1.06 -22.30 -14.48
CA TYR A 51 -0.88 -22.54 -15.90
C TYR A 51 -0.92 -24.02 -16.30
N GLY A 52 -1.04 -24.93 -15.32
CA GLY A 52 -1.13 -26.34 -15.59
C GLY A 52 0.11 -26.82 -16.38
N ASP A 53 -0.13 -27.72 -17.33
CA ASP A 53 0.93 -28.37 -18.11
C ASP A 53 1.80 -27.50 -18.96
N GLN A 54 1.27 -26.39 -19.46
CA GLN A 54 2.10 -25.34 -20.11
C GLN A 54 3.38 -25.04 -19.36
N VAL A 55 3.30 -25.03 -18.04
CA VAL A 55 4.44 -24.62 -17.23
C VAL A 55 5.70 -25.39 -17.64
N ARG A 56 5.50 -26.62 -18.14
CA ARG A 56 6.63 -27.52 -18.39
C ARG A 56 7.51 -26.92 -19.49
N ALA A 57 6.88 -26.13 -20.37
CA ALA A 57 7.62 -25.47 -21.46
C ALA A 57 8.25 -24.14 -20.96
N LEU A 58 7.99 -23.74 -19.71
CA LEU A 58 8.35 -22.43 -19.20
C LEU A 58 9.80 -22.23 -18.68
N PRO A 59 10.40 -23.25 -18.03
CA PRO A 59 11.66 -23.04 -17.27
C PRO A 59 12.79 -22.42 -18.06
N GLY A 60 12.97 -22.84 -19.30
CA GLY A 60 14.09 -22.33 -20.05
C GLY A 60 13.99 -20.86 -20.35
N ARG A 61 12.80 -20.45 -20.75
CA ARG A 61 12.55 -19.07 -20.96
C ARG A 61 12.66 -18.28 -19.65
N LEU A 62 12.11 -18.79 -18.56
CA LEU A 62 12.09 -18.04 -17.30
C LEU A 62 13.50 -18.00 -16.72
N LEU A 63 14.20 -19.15 -16.70
CA LEU A 63 15.56 -19.17 -16.20
C LEU A 63 16.43 -18.32 -17.06
N GLU A 64 16.16 -18.27 -18.38
CA GLU A 64 16.91 -17.32 -19.22
C GLU A 64 16.86 -15.90 -18.72
N VAL A 65 15.64 -15.38 -18.48
CA VAL A 65 15.46 -14.00 -17.99
C VAL A 65 16.19 -13.80 -16.62
N MET A 66 16.02 -14.76 -15.69
CA MET A 66 16.57 -14.64 -14.32
C MET A 66 18.11 -14.71 -14.35
N LEU A 67 18.65 -15.67 -15.11
CA LEU A 67 20.11 -15.78 -15.28
C LEU A 67 20.76 -14.56 -15.82
N HIS A 68 20.16 -14.02 -16.89
CA HIS A 68 20.69 -12.73 -17.35
C HIS A 68 20.55 -11.60 -16.32
N ALA A 69 19.39 -11.49 -15.68
CA ALA A 69 19.26 -10.45 -14.64
C ALA A 69 20.31 -10.62 -13.55
N TYR A 70 20.53 -11.86 -13.15
CA TYR A 70 21.56 -12.12 -12.14
C TYR A 70 22.93 -11.60 -12.64
N HIS A 71 23.33 -11.94 -13.88
CA HIS A 71 24.63 -11.43 -14.41
C HIS A 71 24.64 -9.91 -14.47
N ALA A 72 23.47 -9.32 -14.76
CA ALA A 72 23.40 -7.89 -14.89
C ALA A 72 23.30 -7.10 -13.57
N ARG A 73 23.11 -7.81 -12.44
CA ARG A 73 22.86 -7.14 -11.16
C ARG A 73 24.19 -6.52 -10.71
N PRO A 74 24.24 -5.21 -10.46
CA PRO A 74 25.47 -4.56 -10.05
C PRO A 74 25.97 -5.10 -8.73
N ALA A 75 27.29 -5.08 -8.55
CA ALA A 75 27.91 -5.62 -7.30
C ALA A 75 27.34 -4.93 -6.09
N GLU A 76 27.10 -3.63 -6.17
CA GLU A 76 26.55 -3.01 -4.99
C GLU A 76 25.14 -3.50 -4.66
N LEU A 77 24.37 -3.95 -5.65
CA LEU A 77 23.01 -4.45 -5.33
C LEU A 77 23.08 -5.90 -4.91
N ARG A 78 24.08 -6.66 -5.39
CA ARG A 78 24.37 -7.99 -4.77
C ARG A 78 24.68 -7.84 -3.30
N ARG A 79 25.41 -6.81 -2.93
CA ARG A 79 25.77 -6.60 -1.52
C ARG A 79 24.57 -6.23 -0.71
N LEU A 80 23.73 -5.34 -1.28
CA LEU A 80 22.38 -5.08 -0.66
C LEU A 80 21.61 -6.37 -0.46
N ASP A 81 21.63 -7.29 -1.45
CA ASP A 81 20.93 -8.61 -1.33
C ASP A 81 21.41 -9.35 -0.06
N GLU A 82 22.74 -9.45 0.09
CA GLU A 82 23.33 -10.13 1.26
C GLU A 82 22.97 -9.41 2.56
N ALA A 83 23.03 -8.07 2.54
CA ALA A 83 22.69 -7.30 3.72
C ALA A 83 21.28 -7.61 4.18
N ARG A 84 20.35 -7.80 3.23
CA ARG A 84 18.95 -7.98 3.60
C ARG A 84 18.76 -9.38 4.10
N LEU A 85 19.42 -10.35 3.48
CA LEU A 85 19.43 -11.74 4.04
C LEU A 85 19.99 -11.78 5.49
N LEU A 86 20.96 -10.92 5.79
CA LEU A 86 21.53 -10.86 7.17
C LEU A 86 20.60 -10.17 8.17
N ARG A 87 19.67 -9.37 7.65
CA ARG A 87 18.73 -8.64 8.51
C ARG A 87 17.32 -8.83 7.97
N PRO A 88 16.78 -10.07 8.07
CA PRO A 88 15.49 -10.31 7.47
C PRO A 88 14.28 -9.50 8.06
N ASP A 89 14.41 -8.96 9.27
CA ASP A 89 13.32 -8.16 9.90
C ASP A 89 13.48 -6.65 9.67
N TRP A 90 14.17 -6.29 8.60
CA TRP A 90 14.50 -4.90 8.37
C TRP A 90 13.27 -4.01 8.27
N LEU A 91 12.15 -4.51 7.74
CA LEU A 91 10.94 -3.67 7.57
C LEU A 91 10.22 -3.52 8.90
N GLN A 92 10.60 -4.34 9.88
CA GLN A 92 9.81 -4.49 11.13
C GLN A 92 10.32 -3.67 12.26
N ARG A 93 11.46 -3.04 12.03
CA ARG A 93 12.15 -2.21 13.05
C ARG A 93 11.37 -0.96 13.36
N PRO A 94 11.29 -0.60 14.62
CA PRO A 94 10.58 0.69 14.93
C PRO A 94 11.17 1.93 14.23
N GLU A 95 12.44 1.89 13.90
CA GLU A 95 13.01 3.05 13.18
C GLU A 95 12.50 3.20 11.72
N MET A 96 11.90 2.14 11.17
N MET A 96 11.86 2.15 11.18
CA MET A 96 11.37 2.26 9.84
CA MET A 96 11.36 2.21 9.81
C MET A 96 10.26 3.32 9.83
C MET A 96 10.10 3.10 9.61
N VAL A 97 10.25 4.18 8.80
CA VAL A 97 9.22 5.21 8.59
C VAL A 97 9.15 5.43 7.11
N GLY A 98 7.94 5.49 6.56
CA GLY A 98 7.84 5.70 5.10
C GLY A 98 7.29 7.08 4.75
N TYR A 99 7.52 7.46 3.50
CA TYR A 99 7.08 8.73 2.99
C TYR A 99 6.65 8.48 1.51
N VAL A 100 5.48 9.00 1.10
CA VAL A 100 4.85 8.66 -0.18
C VAL A 100 4.66 9.95 -0.96
N ALA A 101 5.15 10.02 -2.21
CA ALA A 101 5.08 11.31 -2.91
C ALA A 101 5.16 11.10 -4.42
N TYR A 102 4.47 12.00 -5.14
CA TYR A 102 4.66 12.14 -6.57
C TYR A 102 5.95 12.87 -6.79
N THR A 103 6.85 12.31 -7.58
CA THR A 103 8.16 12.96 -7.81
C THR A 103 8.02 14.44 -8.19
N ASP A 104 7.17 14.72 -9.17
CA ASP A 104 7.02 16.06 -9.69
C ASP A 104 6.44 16.99 -8.61
N ARG A 105 5.56 16.47 -7.77
CA ARG A 105 4.92 17.34 -6.79
C ARG A 105 5.79 17.64 -5.61
N PHE A 106 6.68 16.70 -5.30
CA PHE A 106 7.58 16.78 -4.17
C PHE A 106 8.80 17.63 -4.56
N ALA A 107 9.42 17.37 -5.70
CA ALA A 107 10.74 18.01 -6.00
C ALA A 107 11.02 18.26 -7.47
N GLY A 108 9.96 18.17 -8.28
CA GLY A 108 10.06 18.40 -9.72
C GLY A 108 10.59 17.25 -10.57
N THR A 109 11.77 16.74 -10.27
CA THR A 109 12.39 15.68 -11.07
C THR A 109 13.13 14.73 -10.13
N LEU A 110 13.60 13.61 -10.67
CA LEU A 110 14.36 12.65 -9.89
C LEU A 110 15.61 13.30 -9.28
N LYS A 111 16.33 14.05 -10.11
CA LYS A 111 17.48 14.78 -9.57
C LYS A 111 17.06 15.76 -8.51
N GLY A 112 15.91 16.42 -8.67
CA GLY A 112 15.38 17.30 -7.60
C GLY A 112 15.16 16.55 -6.28
N VAL A 113 14.78 15.27 -6.36
CA VAL A 113 14.57 14.48 -5.14
C VAL A 113 15.87 14.38 -4.39
N GLU A 114 16.97 14.19 -5.12
CA GLU A 114 18.28 14.09 -4.45
C GLU A 114 18.63 15.31 -3.66
N GLU A 115 18.11 16.46 -4.09
CA GLU A 115 18.37 17.71 -3.41
C GLU A 115 17.59 17.83 -2.11
N ARG A 116 16.60 16.97 -1.87
CA ARG A 116 15.79 17.01 -0.66
C ARG A 116 16.04 15.87 0.29
N LEU A 117 17.15 15.17 0.12
CA LEU A 117 17.39 14.04 1.01
C LEU A 117 17.59 14.45 2.47
N ASP A 118 18.20 15.61 2.73
CA ASP A 118 18.27 16.09 4.13
C ASP A 118 16.89 16.30 4.70
N TYR A 119 15.90 16.68 3.88
CA TYR A 119 14.56 16.82 4.44
C TYR A 119 13.97 15.46 4.92
N LEU A 120 14.07 14.46 4.04
CA LEU A 120 13.61 13.07 4.32
C LEU A 120 14.35 12.47 5.51
N GLU A 121 15.70 12.53 5.47
CA GLU A 121 16.52 12.12 6.55
C GLU A 121 16.22 12.87 7.85
N GLY A 122 16.00 14.20 7.82
CA GLY A 122 15.65 14.93 9.07
C GLY A 122 14.31 14.41 9.66
N LEU A 123 13.44 13.86 8.80
CA LEU A 123 12.19 13.21 9.27
C LEU A 123 12.37 11.76 9.76
N GLY A 124 13.59 11.23 9.67
CA GLY A 124 13.86 9.80 9.90
C GLY A 124 13.24 8.85 8.86
N VAL A 125 12.93 9.33 7.66
CA VAL A 125 12.39 8.50 6.63
C VAL A 125 13.41 7.43 6.18
N LYS A 126 13.00 6.16 6.04
CA LYS A 126 13.91 5.10 5.63
C LYS A 126 13.29 4.31 4.48
N TYR A 127 12.19 4.79 3.94
CA TYR A 127 11.41 4.04 2.94
C TYR A 127 10.66 5.12 2.13
N LEU A 128 11.02 5.27 0.86
CA LEU A 128 10.46 6.35 0.02
C LEU A 128 9.69 5.75 -1.13
N HIS A 129 8.38 5.90 -1.09
CA HIS A 129 7.54 5.45 -2.16
C HIS A 129 7.24 6.57 -3.14
N LEU A 130 7.84 6.48 -4.31
CA LEU A 130 7.52 7.45 -5.32
C LEU A 130 6.42 6.88 -6.19
N MET A 131 5.45 7.74 -6.47
CA MET A 131 4.25 7.41 -7.27
C MET A 131 4.63 7.11 -8.76
N PRO A 132 3.73 6.48 -9.50
CA PRO A 132 4.17 5.87 -10.78
C PRO A 132 4.96 6.84 -11.65
N LEU A 133 6.20 6.47 -11.93
CA LEU A 133 7.10 7.42 -12.65
C LEU A 133 7.63 6.88 -14.00
N LEU A 134 7.14 5.71 -14.44
CA LEU A 134 7.39 5.17 -15.73
C LEU A 134 6.59 5.97 -16.80
N ARG A 135 7.08 5.96 -18.04
CA ARG A 135 6.41 6.76 -19.08
C ARG A 135 4.97 6.35 -19.23
N PRO A 136 4.06 7.30 -18.95
CA PRO A 136 2.65 7.08 -19.11
C PRO A 136 2.20 7.58 -20.49
N ARG A 137 0.95 7.28 -20.89
CA ARG A 137 0.35 7.89 -22.05
C ARG A 137 0.28 9.44 -21.87
N GLU A 138 0.34 10.15 -23.00
CA GLU A 138 0.16 11.62 -23.04
C GLU A 138 -1.29 11.99 -22.65
N GLY A 139 -1.51 13.18 -22.10
CA GLY A 139 -2.88 13.58 -21.73
C GLY A 139 -3.24 12.95 -20.38
N GLU A 140 -4.52 12.73 -20.16
CA GLU A 140 -5.00 12.09 -18.95
C GLU A 140 -4.40 10.66 -18.83
N ASN A 141 -3.89 10.30 -17.67
CA ASN A 141 -3.18 9.03 -17.58
C ASN A 141 -3.34 8.42 -16.19
N ASP A 142 -4.44 8.80 -15.51
CA ASP A 142 -4.71 8.30 -14.15
C ASP A 142 -3.47 8.46 -13.22
N GLY A 143 -2.86 9.63 -13.26
CA GLY A 143 -1.76 10.02 -12.37
C GLY A 143 -0.68 9.00 -12.47
N GLY A 144 -0.37 8.59 -13.71
CA GLY A 144 0.76 7.72 -13.94
C GLY A 144 0.39 6.27 -13.97
N TYR A 145 -0.86 5.89 -13.59
CA TYR A 145 -1.30 4.48 -13.61
C TYR A 145 -1.72 3.92 -14.97
N ALA A 146 -1.57 4.72 -16.04
CA ALA A 146 -1.73 4.25 -17.42
C ALA A 146 -0.36 4.28 -18.08
N VAL A 147 0.35 3.15 -17.99
CA VAL A 147 1.78 3.13 -18.29
C VAL A 147 1.95 2.78 -19.78
N GLN A 148 2.74 3.56 -20.50
N GLN A 148 2.77 3.55 -20.47
CA GLN A 148 2.98 3.32 -21.95
CA GLN A 148 2.99 3.36 -21.92
C GLN A 148 4.27 2.53 -22.17
C GLN A 148 4.31 2.70 -22.24
N ASP A 149 5.26 2.72 -21.29
CA ASP A 149 6.54 2.00 -21.47
C ASP A 149 7.16 1.78 -20.09
N TYR A 150 7.26 0.52 -19.67
CA TYR A 150 7.84 0.21 -18.34
C TYR A 150 9.35 0.33 -18.34
N ARG A 151 9.96 0.55 -19.50
CA ARG A 151 11.40 0.61 -19.53
C ARG A 151 11.97 2.01 -19.67
N ALA A 152 11.13 3.04 -19.52
CA ALA A 152 11.62 4.42 -19.58
C ALA A 152 10.94 5.17 -18.44
N VAL A 153 11.61 6.16 -17.87
CA VAL A 153 11.06 7.11 -16.91
C VAL A 153 10.28 8.15 -17.68
N ARG A 154 9.18 8.63 -17.11
CA ARG A 154 8.52 9.78 -17.72
C ARG A 154 9.56 10.91 -18.01
N PRO A 155 9.68 11.40 -19.26
CA PRO A 155 10.84 12.20 -19.61
C PRO A 155 10.97 13.47 -18.80
N ASP A 156 9.87 14.15 -18.47
CA ASP A 156 10.04 15.29 -17.59
C ASP A 156 10.51 14.97 -16.15
N LEU A 157 10.58 13.71 -15.72
CA LEU A 157 11.25 13.43 -14.41
C LEU A 157 12.71 13.11 -14.56
N GLY A 158 13.17 12.81 -15.78
CA GLY A 158 14.55 12.31 -15.97
C GLY A 158 14.63 10.99 -16.72
N THR A 159 15.69 10.22 -16.42
CA THR A 159 15.97 8.96 -17.11
C THR A 159 16.15 7.77 -16.12
N MET A 160 16.30 6.56 -16.68
CA MET A 160 16.54 5.38 -15.92
C MET A 160 17.88 5.54 -15.18
N ASP A 161 18.80 6.29 -15.77
CA ASP A 161 20.08 6.52 -15.07
C ASP A 161 19.92 7.47 -13.89
N ASP A 162 19.03 8.44 -14.04
CA ASP A 162 18.73 9.28 -12.90
C ASP A 162 18.04 8.41 -11.82
N LEU A 163 17.18 7.47 -12.22
CA LEU A 163 16.45 6.70 -11.22
C LEU A 163 17.50 5.91 -10.43
N SER A 164 18.47 5.34 -11.16
CA SER A 164 19.50 4.54 -10.56
C SER A 164 20.43 5.40 -9.68
N ALA A 165 20.79 6.56 -10.16
CA ALA A 165 21.62 7.41 -9.34
C ALA A 165 20.80 7.88 -8.12
N LEU A 166 19.51 8.17 -8.28
CA LEU A 166 18.69 8.50 -7.08
C LEU A 166 18.72 7.35 -6.04
N ALA A 167 18.52 6.11 -6.52
CA ALA A 167 18.44 4.98 -5.58
C ALA A 167 19.78 4.81 -4.86
N ARG A 168 20.88 5.07 -5.55
CA ARG A 168 22.18 4.95 -4.91
C ARG A 168 22.29 6.03 -3.82
N ALA A 169 21.82 7.22 -4.09
CA ALA A 169 21.93 8.29 -3.07
C ALA A 169 21.00 7.99 -1.86
N LEU A 170 19.83 7.40 -2.12
CA LEU A 170 18.93 6.93 -1.07
C LEU A 170 19.61 5.89 -0.17
N ARG A 171 20.25 4.89 -0.78
CA ARG A 171 20.90 3.85 0.02
C ARG A 171 21.96 4.52 0.90
N GLY A 172 22.61 5.55 0.38
CA GLY A 172 23.69 6.21 1.15
C GLY A 172 23.09 6.86 2.38
N ARG A 173 21.78 7.16 2.35
CA ARG A 173 21.12 7.63 3.57
C ARG A 173 20.32 6.53 4.31
N GLY A 174 20.45 5.27 3.93
CA GLY A 174 19.63 4.22 4.55
C GLY A 174 18.13 4.31 4.20
N ILE A 175 17.81 4.88 3.03
CA ILE A 175 16.44 4.94 2.49
C ILE A 175 16.26 3.92 1.34
N SER A 176 15.19 3.14 1.42
CA SER A 176 14.77 2.16 0.42
C SER A 176 13.82 2.79 -0.58
N LEU A 177 14.14 2.67 -1.86
CA LEU A 177 13.25 3.16 -2.94
C LEU A 177 12.12 2.14 -3.17
N VAL A 178 10.90 2.65 -3.28
CA VAL A 178 9.70 1.80 -3.36
C VAL A 178 8.91 2.32 -4.53
N LEU A 179 8.53 1.43 -5.47
CA LEU A 179 7.79 1.88 -6.67
C LEU A 179 6.64 0.96 -6.89
N ASP A 180 5.66 1.49 -7.61
CA ASP A 180 4.56 0.71 -8.16
C ASP A 180 4.95 -0.19 -9.26
N LEU A 181 4.44 -1.43 -9.19
CA LEU A 181 4.43 -2.35 -10.33
C LEU A 181 2.98 -2.34 -10.85
N VAL A 182 2.71 -1.67 -11.94
CA VAL A 182 1.31 -1.55 -12.40
C VAL A 182 1.00 -2.76 -13.26
N LEU A 183 0.68 -3.90 -12.63
CA LEU A 183 0.71 -5.18 -13.37
C LEU A 183 -0.63 -5.66 -13.91
N ASN A 184 -1.71 -5.00 -13.53
CA ASN A 184 -3.01 -5.44 -13.96
C ASN A 184 -3.35 -4.95 -15.37
N HIS A 185 -2.85 -3.77 -15.74
CA HIS A 185 -3.31 -3.15 -17.04
C HIS A 185 -2.20 -2.25 -17.53
N VAL A 186 -2.22 -1.94 -18.84
CA VAL A 186 -1.29 -1.01 -19.47
C VAL A 186 -2.11 0.09 -20.20
N ALA A 187 -1.50 1.23 -20.48
CA ALA A 187 -2.17 2.24 -21.31
C ALA A 187 -2.50 1.65 -22.67
N ARG A 188 -3.65 2.04 -23.20
CA ARG A 188 -3.98 1.64 -24.61
C ARG A 188 -2.87 2.01 -25.65
N GLU A 189 -1.98 2.96 -25.31
CA GLU A 189 -0.89 3.34 -26.16
C GLU A 189 0.42 2.51 -26.01
N HIS A 190 0.46 1.64 -25.01
CA HIS A 190 1.61 0.76 -24.80
C HIS A 190 1.82 0.00 -26.15
N ALA A 191 3.07 -0.25 -26.54
CA ALA A 191 3.33 -1.02 -27.78
C ALA A 191 2.60 -2.38 -27.78
N TRP A 192 2.40 -3.00 -26.60
CA TRP A 192 1.66 -4.28 -26.63
C TRP A 192 0.26 -4.09 -27.22
N ALA A 193 -0.39 -3.00 -26.79
CA ALA A 193 -1.78 -2.77 -27.17
C ALA A 193 -1.83 -2.24 -28.63
N GLN A 194 -0.85 -1.41 -29.02
CA GLN A 194 -0.75 -0.91 -30.42
C GLN A 194 -0.65 -2.14 -31.33
N LYS A 195 0.23 -3.09 -31.00
CA LYS A 195 0.34 -4.33 -31.78
C LYS A 195 -0.85 -5.25 -31.77
N ALA A 196 -1.56 -5.32 -30.66
CA ALA A 196 -2.78 -6.10 -30.65
C ALA A 196 -3.77 -5.48 -31.68
N ARG A 197 -3.82 -4.12 -31.75
CA ARG A 197 -4.76 -3.42 -32.62
C ARG A 197 -4.31 -3.50 -34.08
N ALA A 198 -2.99 -3.49 -34.30
CA ALA A 198 -2.46 -3.77 -35.63
C ALA A 198 -2.75 -5.21 -36.06
N GLY A 199 -3.10 -6.12 -35.15
CA GLY A 199 -3.42 -7.48 -35.59
C GLY A 199 -2.49 -8.62 -35.19
N ASP A 200 -1.44 -8.29 -34.46
CA ASP A 200 -0.49 -9.33 -34.07
C ASP A 200 -1.12 -10.29 -33.06
N PRO A 201 -1.33 -11.57 -33.43
CA PRO A 201 -1.95 -12.48 -32.50
C PRO A 201 -1.15 -12.77 -31.22
N LYS A 202 0.16 -12.64 -31.23
CA LYS A 202 0.90 -12.77 -29.95
C LYS A 202 0.38 -11.73 -28.95
N TYR A 203 0.23 -10.49 -29.42
CA TYR A 203 -0.18 -9.38 -28.53
C TYR A 203 -1.69 -9.24 -28.34
N ARG A 204 -2.49 -9.78 -29.27
CA ARG A 204 -3.93 -9.82 -28.99
C ARG A 204 -4.14 -10.69 -27.80
N ALA A 205 -3.34 -11.74 -27.70
CA ALA A 205 -3.44 -12.67 -26.59
C ALA A 205 -2.92 -12.08 -25.24
N TYR A 206 -2.34 -10.88 -25.23
CA TYR A 206 -2.03 -10.16 -23.93
C TYR A 206 -3.23 -9.48 -23.27
N PHE A 207 -4.40 -9.45 -23.96
CA PHE A 207 -5.61 -8.70 -23.52
C PHE A 207 -6.87 -9.57 -23.51
N HIS A 208 -7.97 -9.04 -22.95
CA HIS A 208 -9.23 -9.78 -22.97
C HIS A 208 -10.13 -9.08 -24.00
N LEU A 209 -10.19 -9.65 -25.20
CA LEU A 209 -10.83 -9.01 -26.37
C LEU A 209 -12.04 -9.83 -26.78
N PHE A 210 -13.09 -9.15 -27.24
CA PHE A 210 -14.37 -9.78 -27.55
C PHE A 210 -14.94 -9.19 -28.82
N PRO A 211 -15.52 -10.05 -29.68
CA PRO A 211 -16.03 -9.55 -30.97
C PRO A 211 -17.34 -8.75 -30.82
N ASP A 212 -18.10 -8.97 -29.74
CA ASP A 212 -19.44 -8.37 -29.61
C ASP A 212 -19.76 -8.35 -28.11
N ARG A 213 -21.02 -8.08 -27.77
CA ARG A 213 -21.47 -7.94 -26.39
C ARG A 213 -21.67 -9.23 -25.63
N ARG A 214 -21.63 -10.39 -26.29
CA ARG A 214 -21.99 -11.60 -25.58
C ARG A 214 -21.07 -11.90 -24.34
N GLY A 215 -19.75 -11.95 -24.57
CA GLY A 215 -18.78 -12.20 -23.47
C GLY A 215 -18.90 -11.07 -22.46
N PRO A 216 -18.74 -9.81 -22.88
CA PRO A 216 -18.86 -8.68 -21.97
C PRO A 216 -20.14 -8.71 -21.12
N ASP A 217 -21.30 -8.88 -21.76
CA ASP A 217 -22.57 -8.95 -21.00
C ASP A 217 -22.53 -10.06 -19.99
N ALA A 218 -22.03 -11.22 -20.36
CA ALA A 218 -21.99 -12.35 -19.41
C ALA A 218 -21.08 -12.05 -18.15
N PHE A 219 -19.89 -11.43 -18.37
CA PHE A 219 -19.06 -11.00 -17.23
C PHE A 219 -19.69 -9.91 -16.38
N GLU A 220 -20.29 -8.90 -17.02
CA GLU A 220 -20.81 -7.76 -16.32
C GLU A 220 -21.87 -8.20 -15.31
N ALA A 221 -22.55 -9.31 -15.54
CA ALA A 221 -23.64 -9.68 -14.62
C ALA A 221 -23.09 -9.80 -13.21
N THR A 222 -21.82 -10.18 -13.03
CA THR A 222 -21.28 -10.32 -11.68
C THR A 222 -20.14 -9.36 -11.28
N LEU A 223 -19.88 -8.34 -12.11
CA LEU A 223 -18.83 -7.37 -11.87
C LEU A 223 -19.30 -6.05 -11.27
N PRO A 224 -18.53 -5.52 -10.32
CA PRO A 224 -18.88 -4.17 -9.87
C PRO A 224 -18.35 -3.12 -10.86
N GLU A 225 -18.67 -1.85 -10.62
CA GLU A 225 -18.19 -0.76 -11.44
C GLU A 225 -17.25 0.08 -10.58
N ILE A 226 -15.96 0.21 -10.98
CA ILE A 226 -14.97 0.83 -10.12
C ILE A 226 -15.00 2.35 -10.32
N PHE A 227 -15.07 2.75 -11.57
CA PHE A 227 -15.05 4.18 -11.87
C PHE A 227 -16.30 4.51 -12.69
N PRO A 228 -17.51 4.39 -12.11
CA PRO A 228 -18.73 4.65 -12.95
C PRO A 228 -18.75 6.00 -13.64
N ASP A 229 -18.14 6.99 -13.01
CA ASP A 229 -18.05 8.34 -13.54
C ASP A 229 -17.03 8.52 -14.65
N PHE A 230 -16.05 7.66 -14.75
CA PHE A 230 -15.01 7.86 -15.76
C PHE A 230 -15.30 7.05 -16.99
N ALA A 231 -15.72 5.80 -16.77
CA ALA A 231 -15.87 4.81 -17.86
C ALA A 231 -16.85 3.74 -17.41
N PRO A 232 -18.10 3.76 -17.94
CA PRO A 232 -19.03 2.82 -17.33
C PRO A 232 -18.61 1.38 -17.54
N GLY A 233 -18.88 0.55 -16.53
CA GLY A 233 -18.70 -0.90 -16.71
C GLY A 233 -17.21 -1.23 -16.75
N ASN A 234 -16.90 -2.35 -17.35
CA ASN A 234 -15.58 -2.95 -17.32
C ASN A 234 -15.13 -3.28 -18.73
N PHE A 235 -15.87 -2.82 -19.74
CA PHE A 235 -15.46 -3.07 -21.13
C PHE A 235 -15.56 -1.84 -21.96
N SER A 236 -14.59 -1.66 -22.84
CA SER A 236 -14.64 -0.52 -23.75
C SER A 236 -14.70 -0.98 -25.18
N TRP A 237 -15.37 -0.20 -26.04
CA TRP A 237 -15.39 -0.48 -27.51
C TRP A 237 -14.19 0.21 -28.18
N ASP A 238 -13.41 -0.49 -29.01
CA ASP A 238 -12.30 0.14 -29.76
C ASP A 238 -12.39 -0.21 -31.23
N GLU A 239 -12.45 0.83 -32.07
CA GLU A 239 -12.68 0.72 -33.53
C GLU A 239 -11.61 -0.12 -34.21
N GLU A 240 -10.35 0.08 -33.80
CA GLU A 240 -9.18 -0.54 -34.45
C GLU A 240 -8.89 -1.96 -33.98
N ILE A 241 -9.74 -2.55 -33.14
CA ILE A 241 -9.49 -3.89 -32.69
C ILE A 241 -10.12 -4.77 -33.77
N GLY A 242 -9.43 -5.83 -34.18
CA GLY A 242 -9.88 -6.70 -35.30
C GLY A 242 -9.67 -6.12 -36.72
N GLU A 243 -10.09 -6.88 -37.74
CA GLU A 243 -10.08 -6.41 -39.13
C GLU A 243 -11.29 -5.49 -39.49
N GLY A 244 -12.48 -5.82 -38.95
CA GLY A 244 -13.74 -5.18 -39.35
C GLY A 244 -14.00 -3.86 -38.61
N GLU A 245 -15.22 -3.70 -38.07
CA GLU A 245 -15.50 -2.60 -37.12
C GLU A 245 -14.87 -3.13 -35.80
N GLY A 246 -14.57 -2.30 -34.84
CA GLY A 246 -13.77 -2.79 -33.74
C GLY A 246 -14.21 -4.00 -32.92
N GLY A 247 -13.98 -3.89 -31.62
CA GLY A 247 -14.28 -4.97 -30.69
C GLY A 247 -14.29 -4.43 -29.28
N TRP A 248 -14.61 -5.30 -28.33
CA TRP A 248 -14.67 -4.92 -26.93
C TRP A 248 -13.34 -5.34 -26.30
N VAL A 249 -12.80 -4.49 -25.43
CA VAL A 249 -11.63 -4.89 -24.67
C VAL A 249 -11.95 -4.75 -23.15
N TRP A 250 -11.46 -5.65 -22.29
CA TRP A 250 -11.71 -5.52 -20.83
C TRP A 250 -10.96 -4.26 -20.34
N THR A 251 -11.66 -3.33 -19.69
CA THR A 251 -11.07 -2.07 -19.13
C THR A 251 -11.79 -1.85 -17.78
N THR A 252 -11.35 -2.54 -16.72
CA THR A 252 -11.84 -2.33 -15.35
C THR A 252 -11.87 -0.85 -14.97
N PHE A 253 -10.78 -0.14 -15.26
CA PHE A 253 -10.59 1.22 -14.76
C PHE A 253 -10.98 2.17 -15.89
N ASN A 254 -10.11 3.08 -16.26
CA ASN A 254 -10.38 3.98 -17.36
C ASN A 254 -10.44 3.22 -18.66
N SER A 255 -11.10 3.80 -19.67
CA SER A 255 -11.17 3.20 -21.01
C SER A 255 -9.79 3.04 -21.62
N TYR A 256 -8.88 3.93 -21.26
CA TYR A 256 -7.54 3.86 -21.80
C TYR A 256 -6.54 2.95 -21.05
N GLN A 257 -7.06 2.24 -20.03
CA GLN A 257 -6.35 1.22 -19.23
C GLN A 257 -6.86 -0.19 -19.60
N TRP A 258 -6.04 -0.89 -20.36
CA TRP A 258 -6.46 -2.24 -20.87
C TRP A 258 -5.94 -3.33 -19.99
N ASP A 259 -6.85 -4.19 -19.52
CA ASP A 259 -6.50 -5.20 -18.53
C ASP A 259 -5.66 -6.25 -19.25
N LEU A 260 -4.58 -6.68 -18.60
CA LEU A 260 -3.68 -7.71 -19.14
C LEU A 260 -4.27 -9.09 -18.94
N ASN A 261 -3.94 -10.01 -19.84
CA ASN A 261 -4.48 -11.36 -19.74
C ASN A 261 -3.43 -12.22 -19.02
N TRP A 262 -3.62 -12.40 -17.70
CA TRP A 262 -2.69 -13.18 -16.86
C TRP A 262 -2.85 -14.68 -17.03
N ALA A 263 -3.86 -15.11 -17.79
CA ALA A 263 -3.96 -16.51 -18.20
C ALA A 263 -2.90 -16.84 -19.30
N ASN A 264 -2.25 -15.82 -19.82
CA ASN A 264 -1.18 -16.03 -20.82
C ASN A 264 0.15 -15.99 -20.07
N PRO A 265 0.88 -17.10 -20.00
CA PRO A 265 2.23 -17.05 -19.37
C PRO A 265 3.27 -16.06 -19.99
N ASP A 266 3.06 -15.60 -21.25
CA ASP A 266 3.93 -14.57 -21.79
C ASP A 266 3.80 -13.31 -20.94
N VAL A 267 2.61 -13.04 -20.40
CA VAL A 267 2.44 -11.81 -19.59
C VAL A 267 3.25 -12.00 -18.30
N PHE A 268 3.14 -13.17 -17.67
CA PHE A 268 3.93 -13.46 -16.46
C PHE A 268 5.45 -13.18 -16.75
N LEU A 269 5.95 -13.75 -17.84
CA LEU A 269 7.33 -13.52 -18.30
C LEU A 269 7.70 -12.07 -18.49
N GLU A 270 6.83 -11.29 -19.14
CA GLU A 270 7.11 -9.88 -19.29
C GLU A 270 7.34 -9.20 -17.94
N PHE A 271 6.52 -9.56 -16.94
CA PHE A 271 6.61 -8.84 -15.65
C PHE A 271 7.72 -9.31 -14.79
N VAL A 272 8.09 -10.58 -14.90
CA VAL A 272 9.40 -11.03 -14.26
C VAL A 272 10.54 -10.11 -14.76
N ASP A 273 10.56 -9.91 -16.09
CA ASP A 273 11.61 -9.15 -16.74
C ASP A 273 11.59 -7.68 -16.31
N ILE A 274 10.37 -7.09 -16.26
CA ILE A 274 10.20 -5.74 -15.74
C ILE A 274 10.68 -5.61 -14.26
N ILE A 275 10.23 -6.53 -13.41
CA ILE A 275 10.59 -6.48 -12.00
C ILE A 275 12.13 -6.51 -11.85
N LEU A 276 12.79 -7.49 -12.53
CA LEU A 276 14.22 -7.68 -12.38
C LEU A 276 14.94 -6.51 -13.02
N TYR A 277 14.45 -6.01 -14.14
CA TYR A 277 15.04 -4.78 -14.71
C TYR A 277 15.01 -3.59 -13.68
N LEU A 278 13.84 -3.30 -13.10
CA LEU A 278 13.68 -2.24 -12.09
C LEU A 278 14.49 -2.54 -10.78
N ALA A 279 14.54 -3.79 -10.33
CA ALA A 279 15.36 -4.16 -9.19
C ALA A 279 16.79 -3.87 -9.50
N ASN A 280 17.22 -4.00 -10.75
CA ASN A 280 18.65 -3.74 -11.05
C ASN A 280 18.93 -2.23 -11.21
N ARG A 281 17.86 -1.43 -11.26
CA ARG A 281 18.00 0.03 -11.14
C ARG A 281 17.96 0.45 -9.66
N GLY A 282 17.91 -0.47 -8.69
CA GLY A 282 17.86 0.00 -7.30
C GLY A 282 16.49 -0.06 -6.61
N VAL A 283 15.43 -0.53 -7.32
CA VAL A 283 14.12 -0.64 -6.60
C VAL A 283 14.16 -1.74 -5.58
N GLU A 284 13.80 -1.43 -4.35
CA GLU A 284 13.79 -2.39 -3.26
C GLU A 284 12.43 -2.98 -2.92
N VAL A 285 11.33 -2.20 -2.97
CA VAL A 285 10.01 -2.75 -2.70
C VAL A 285 9.10 -2.42 -3.89
N PHE A 286 8.29 -3.38 -4.29
CA PHE A 286 7.29 -3.20 -5.34
C PHE A 286 5.89 -3.27 -4.75
N ARG A 287 5.14 -2.19 -4.96
CA ARG A 287 3.71 -2.13 -4.60
C ARG A 287 3.02 -2.70 -5.85
N LEU A 288 2.31 -3.79 -5.64
CA LEU A 288 1.61 -4.49 -6.70
C LEU A 288 0.27 -3.81 -6.92
N ASP A 289 0.21 -2.84 -7.83
CA ASP A 289 -1.05 -2.09 -8.05
C ASP A 289 -2.22 -2.99 -8.54
N ALA A 290 -3.40 -2.83 -7.97
CA ALA A 290 -4.60 -3.52 -8.53
C ALA A 290 -4.38 -5.04 -8.54
N ILE A 291 -3.53 -5.54 -7.64
CA ILE A 291 -3.17 -6.96 -7.63
C ILE A 291 -4.42 -7.85 -7.57
N ALA A 292 -5.49 -7.41 -6.87
CA ALA A 292 -6.67 -8.27 -6.68
C ALA A 292 -7.36 -8.64 -8.03
N PHE A 293 -7.11 -7.81 -9.05
CA PHE A 293 -7.88 -7.82 -10.31
C PHE A 293 -7.27 -8.77 -11.35
N ILE A 294 -6.08 -9.29 -11.08
CA ILE A 294 -5.31 -9.85 -12.22
C ILE A 294 -5.92 -11.15 -12.78
N TRP A 295 -6.72 -11.87 -12.02
CA TRP A 295 -7.37 -13.08 -12.57
C TRP A 295 -8.89 -12.89 -12.87
N LYS A 296 -9.30 -13.14 -14.10
CA LYS A 296 -10.75 -13.06 -14.42
C LYS A 296 -11.36 -14.48 -14.34
N ARG A 297 -12.59 -14.62 -13.83
CA ARG A 297 -13.30 -15.90 -13.82
C ARG A 297 -14.79 -15.56 -13.96
N LEU A 298 -15.43 -16.15 -14.95
CA LEU A 298 -16.85 -15.89 -15.24
C LEU A 298 -17.65 -16.32 -14.04
N GLY A 299 -18.63 -15.50 -13.67
CA GLY A 299 -19.50 -15.79 -12.55
C GLY A 299 -18.99 -15.23 -11.21
N THR A 300 -17.83 -14.53 -11.20
CA THR A 300 -17.32 -13.96 -9.95
C THR A 300 -17.11 -12.50 -10.17
N ASP A 301 -16.75 -11.75 -9.11
CA ASP A 301 -16.41 -10.35 -9.27
C ASP A 301 -15.00 -10.15 -9.83
N CYS A 302 -14.32 -11.24 -10.18
CA CYS A 302 -12.98 -11.12 -10.79
C CYS A 302 -11.97 -10.36 -9.89
N GLN A 303 -12.11 -10.55 -8.57
CA GLN A 303 -11.18 -9.97 -7.63
C GLN A 303 -10.80 -11.06 -6.70
N ASN A 304 -9.53 -11.12 -6.32
CA ASN A 304 -9.17 -12.05 -5.27
C ASN A 304 -9.31 -13.52 -5.60
N GLN A 305 -9.22 -13.87 -6.86
CA GLN A 305 -9.25 -15.32 -7.21
C GLN A 305 -7.96 -16.00 -6.73
N PRO A 306 -7.98 -17.33 -6.51
CA PRO A 306 -6.80 -17.97 -5.92
C PRO A 306 -5.53 -17.78 -6.77
N GLU A 307 -5.70 -17.67 -8.08
CA GLU A 307 -4.58 -17.49 -9.01
C GLU A 307 -3.82 -16.24 -8.72
N VAL A 308 -4.49 -15.21 -8.18
CA VAL A 308 -3.79 -13.98 -7.85
C VAL A 308 -2.60 -14.32 -6.89
N HIS A 309 -2.84 -15.14 -5.86
CA HIS A 309 -1.77 -15.41 -4.86
C HIS A 309 -0.71 -16.33 -5.41
N HIS A 310 -1.11 -17.34 -6.20
CA HIS A 310 -0.11 -18.12 -6.95
C HIS A 310 0.78 -17.27 -7.87
N LEU A 311 0.18 -16.44 -8.70
CA LEU A 311 0.98 -15.59 -9.56
C LEU A 311 1.91 -14.64 -8.72
N THR A 312 1.37 -14.03 -7.67
CA THR A 312 2.14 -13.15 -6.81
C THR A 312 3.31 -13.92 -6.17
N ARG A 313 3.03 -15.08 -5.61
CA ARG A 313 4.10 -15.89 -5.05
C ARG A 313 5.20 -16.24 -6.08
N ALA A 314 4.81 -16.61 -7.31
CA ALA A 314 5.75 -16.95 -8.35
C ALA A 314 6.57 -15.77 -8.81
N LEU A 315 5.89 -14.64 -9.00
CA LEU A 315 6.58 -13.41 -9.34
C LEU A 315 7.65 -13.09 -8.26
N ARG A 316 7.25 -13.19 -7.00
CA ARG A 316 8.20 -12.90 -5.91
C ARG A 316 9.36 -13.89 -5.91
N ALA A 317 9.05 -15.19 -6.07
CA ALA A 317 10.10 -16.21 -5.98
C ALA A 317 11.13 -15.99 -7.10
N ALA A 318 10.65 -15.68 -8.30
CA ALA A 318 11.52 -15.43 -9.42
C ALA A 318 12.38 -14.23 -9.13
N ALA A 319 11.74 -13.13 -8.68
CA ALA A 319 12.50 -11.95 -8.28
C ALA A 319 13.58 -12.22 -7.21
N ARG A 320 13.25 -12.92 -6.12
CA ARG A 320 14.24 -13.03 -5.05
CA ARG A 320 14.17 -13.10 -5.00
C ARG A 320 15.29 -14.09 -5.24
N ILE A 321 15.11 -14.97 -6.23
CA ILE A 321 16.16 -15.88 -6.59
C ILE A 321 17.28 -15.06 -7.16
N VAL A 322 16.94 -13.99 -7.84
CA VAL A 322 17.92 -13.12 -8.44
C VAL A 322 18.35 -12.04 -7.44
N ALA A 323 17.39 -11.44 -6.74
CA ALA A 323 17.60 -10.18 -6.00
C ALA A 323 16.89 -10.32 -4.64
N PRO A 324 17.51 -11.02 -3.71
CA PRO A 324 16.88 -11.23 -2.42
C PRO A 324 16.58 -9.91 -1.69
N ALA A 325 17.16 -8.77 -2.06
CA ALA A 325 16.76 -7.54 -1.37
C ALA A 325 15.28 -7.14 -1.65
N VAL A 326 14.69 -7.67 -2.72
CA VAL A 326 13.41 -7.15 -3.19
C VAL A 326 12.26 -7.68 -2.29
N ALA A 327 11.37 -6.80 -1.84
CA ALA A 327 10.16 -7.17 -1.09
C ALA A 327 8.93 -6.73 -1.89
N PHE A 328 7.74 -7.30 -1.61
CA PHE A 328 6.54 -6.95 -2.38
C PHE A 328 5.55 -6.47 -1.37
N LYS A 329 4.70 -5.55 -1.79
CA LYS A 329 3.70 -4.97 -0.93
C LYS A 329 2.38 -5.01 -1.64
N ALA A 330 1.43 -5.75 -1.07
CA ALA A 330 0.14 -5.90 -1.73
C ALA A 330 -0.80 -4.79 -1.30
N GLU A 331 -1.54 -4.21 -2.24
CA GLU A 331 -2.64 -3.33 -1.93
C GLU A 331 -3.87 -4.08 -2.47
N ALA A 332 -4.65 -4.60 -1.53
CA ALA A 332 -5.89 -5.22 -1.88
C ALA A 332 -6.87 -4.78 -0.80
N ILE A 333 -8.08 -4.39 -1.23
CA ILE A 333 -9.18 -4.00 -0.30
C ILE A 333 -10.20 -5.16 -0.20
N VAL A 334 -10.11 -5.99 0.86
CA VAL A 334 -10.87 -7.24 0.95
C VAL A 334 -11.07 -7.54 2.41
N ALA A 335 -12.01 -8.42 2.71
CA ALA A 335 -12.28 -8.89 4.08
C ALA A 335 -10.97 -9.38 4.78
N PRO A 336 -10.88 -9.21 6.11
CA PRO A 336 -9.62 -9.52 6.83
C PRO A 336 -9.08 -10.91 6.56
N ALA A 337 -9.97 -11.88 6.59
CA ALA A 337 -9.56 -13.29 6.45
C ALA A 337 -8.83 -13.52 5.10
N ASP A 338 -9.43 -12.97 4.03
CA ASP A 338 -8.82 -12.91 2.70
C ASP A 338 -7.55 -12.06 2.57
N LEU A 339 -7.51 -10.90 3.24
CA LEU A 339 -6.30 -10.05 3.16
C LEU A 339 -5.09 -10.85 3.59
N ILE A 340 -5.23 -11.67 4.66
CA ILE A 340 -4.11 -12.47 5.13
C ILE A 340 -3.47 -13.40 4.04
N HIS A 341 -4.29 -13.87 3.10
CA HIS A 341 -3.82 -14.61 1.91
C HIS A 341 -2.90 -13.82 1.00
N TYR A 342 -2.93 -12.47 1.08
CA TYR A 342 -1.97 -11.65 0.32
C TYR A 342 -0.61 -11.63 0.99
N LEU A 343 -0.53 -12.15 2.21
CA LEU A 343 0.71 -12.06 2.96
C LEU A 343 1.25 -13.45 3.00
N GLY A 344 0.55 -14.30 3.72
CA GLY A 344 1.03 -15.66 3.73
C GLY A 344 0.20 -16.41 4.72
N THR A 345 0.32 -17.72 4.64
CA THR A 345 -0.54 -18.61 5.42
C THR A 345 0.25 -19.48 6.40
N ARG A 346 1.56 -19.28 6.45
CA ARG A 346 2.40 -20.00 7.40
C ARG A 346 2.12 -21.54 7.37
N ALA A 347 1.94 -22.05 6.14
CA ALA A 347 1.65 -23.47 5.88
C ALA A 347 2.72 -24.07 4.92
N HIS A 348 2.35 -25.05 4.08
CA HIS A 348 3.39 -25.73 3.25
C HIS A 348 3.76 -24.98 1.95
N HIS A 349 3.05 -23.87 1.68
CA HIS A 349 3.37 -22.96 0.58
C HIS A 349 4.22 -21.75 1.08
N GLY A 350 4.99 -21.15 0.20
CA GLY A 350 5.84 -20.04 0.63
C GLY A 350 5.07 -18.73 0.84
N LYS A 351 5.76 -17.76 1.41
CA LYS A 351 5.18 -16.43 1.62
C LYS A 351 4.70 -15.87 0.29
N VAL A 352 3.55 -15.17 0.31
CA VAL A 352 3.02 -14.48 -0.89
C VAL A 352 3.57 -13.06 -1.06
N SER A 353 3.54 -12.23 0.00
CA SER A 353 4.17 -10.89 -0.05
C SER A 353 4.73 -10.49 1.31
N ASP A 354 5.64 -9.51 1.34
CA ASP A 354 6.25 -9.09 2.58
C ASP A 354 5.44 -8.10 3.37
N MET A 355 4.57 -7.34 2.68
CA MET A 355 3.79 -6.30 3.31
C MET A 355 2.45 -6.22 2.68
N ALA A 356 1.49 -5.64 3.39
CA ALA A 356 0.17 -5.37 2.82
C ALA A 356 -0.31 -4.12 3.56
N TYR A 357 -1.04 -3.27 2.85
CA TYR A 357 -1.70 -2.12 3.41
C TYR A 357 -2.75 -2.60 4.42
N HIS A 358 -2.82 -1.97 5.57
CA HIS A 358 -3.87 -2.24 6.53
C HIS A 358 -4.96 -1.19 6.29
N ASN A 359 -5.81 -1.42 5.31
N ASN A 359 -5.79 -1.42 5.29
CA ASN A 359 -6.83 -0.46 4.87
CA ASN A 359 -6.86 -0.50 4.88
C ASN A 359 -7.96 -0.34 5.91
C ASN A 359 -7.84 -0.32 6.01
N SER A 360 -8.18 -1.43 6.66
CA SER A 360 -9.20 -1.42 7.67
C SER A 360 -8.79 -0.52 8.84
N LEU A 361 -7.51 -0.42 9.19
CA LEU A 361 -7.07 0.54 10.26
C LEU A 361 -7.36 1.99 9.85
N MET A 362 -6.99 2.35 8.60
CA MET A 362 -7.26 3.64 8.06
C MET A 362 -8.77 3.93 8.12
N VAL A 363 -9.59 2.99 7.66
CA VAL A 363 -11.04 3.24 7.64
C VAL A 363 -11.60 3.45 9.04
N GLN A 364 -11.18 2.64 10.01
CA GLN A 364 -11.64 2.77 11.40
C GLN A 364 -11.17 4.04 12.06
N LEU A 365 -10.00 4.53 11.65
CA LEU A 365 -9.50 5.79 12.24
C LEU A 365 -10.48 6.90 11.90
N TRP A 366 -10.79 7.05 10.63
CA TRP A 366 -11.74 8.06 10.21
C TRP A 366 -13.14 7.79 10.70
N SER A 367 -13.56 6.53 10.69
CA SER A 367 -14.88 6.20 11.17
C SER A 367 -15.08 6.61 12.64
N SER A 368 -14.15 6.19 13.50
CA SER A 368 -14.23 6.58 14.92
C SER A 368 -14.03 8.05 15.20
N LEU A 369 -13.22 8.75 14.39
CA LEU A 369 -13.12 10.21 14.54
C LEU A 369 -14.49 10.88 14.29
N ALA A 370 -15.24 10.37 13.30
CA ALA A 370 -16.56 10.90 13.02
C ALA A 370 -17.62 10.54 14.08
N SER A 371 -17.71 9.26 14.47
CA SER A 371 -18.69 8.80 15.40
C SER A 371 -18.32 9.08 16.86
N ARG A 372 -17.03 9.27 17.20
CA ARG A 372 -16.62 9.42 18.61
C ARG A 372 -16.88 8.16 19.33
N ASN A 373 -16.93 7.04 18.60
CA ASN A 373 -17.30 5.73 19.21
C ASN A 373 -16.30 4.64 18.78
N THR A 374 -15.69 3.91 19.71
CA THR A 374 -14.60 3.02 19.24
C THR A 374 -15.06 1.49 19.15
N ARG A 375 -16.33 1.19 19.34
CA ARG A 375 -16.76 -0.21 19.41
C ARG A 375 -16.60 -0.88 18.06
N LEU A 376 -16.95 -0.18 16.96
CA LEU A 376 -16.71 -0.71 15.64
C LEU A 376 -15.21 -0.96 15.39
N PHE A 377 -14.36 -0.06 15.89
CA PHE A 377 -12.92 -0.21 15.77
C PHE A 377 -12.48 -1.50 16.43
N GLU A 378 -12.98 -1.74 17.64
CA GLU A 378 -12.59 -2.90 18.37
C GLU A 378 -13.00 -4.15 17.55
N GLU A 379 -14.24 -4.17 17.04
CA GLU A 379 -14.73 -5.36 16.39
C GLU A 379 -14.02 -5.58 15.03
N ALA A 380 -13.64 -4.51 14.33
CA ALA A 380 -12.98 -4.63 13.01
C ALA A 380 -11.58 -5.23 13.21
N LEU A 381 -10.91 -4.83 14.29
CA LEU A 381 -9.58 -5.35 14.56
C LEU A 381 -9.71 -6.81 14.98
N ARG A 382 -10.69 -7.08 15.85
CA ARG A 382 -10.86 -8.43 16.40
C ARG A 382 -11.14 -9.51 15.29
N ALA A 383 -11.78 -9.11 14.18
CA ALA A 383 -12.03 -9.97 13.01
C ALA A 383 -10.77 -10.44 12.26
N PHE A 384 -9.62 -9.80 12.45
CA PHE A 384 -8.42 -10.24 11.69
C PHE A 384 -7.85 -11.54 12.20
N PRO A 385 -7.60 -12.55 11.30
CA PRO A 385 -6.60 -13.55 11.72
C PRO A 385 -5.19 -12.89 11.88
N PRO A 386 -4.29 -13.55 12.64
CA PRO A 386 -2.92 -13.10 12.75
C PRO A 386 -2.20 -13.26 11.40
N LYS A 387 -1.30 -12.33 11.10
CA LYS A 387 -0.41 -12.41 9.96
C LYS A 387 0.79 -13.31 10.32
N PRO A 388 1.51 -13.83 9.31
CA PRO A 388 2.80 -14.51 9.62
C PRO A 388 3.68 -13.47 10.29
N THR A 389 4.44 -13.87 11.29
CA THR A 389 5.20 -12.93 12.05
C THR A 389 6.30 -12.29 11.25
N SER A 390 6.68 -12.94 10.18
CA SER A 390 7.75 -12.35 9.37
C SER A 390 7.17 -11.38 8.32
N THR A 391 5.84 -11.17 8.26
CA THR A 391 5.34 -10.14 7.31
C THR A 391 4.98 -8.81 8.05
N THR A 392 4.74 -7.71 7.30
CA THR A 392 4.61 -6.37 7.95
C THR A 392 3.44 -5.54 7.35
N TRP A 393 2.57 -4.99 8.20
CA TRP A 393 1.55 -4.07 7.68
C TRP A 393 2.20 -2.75 7.22
N GLY A 394 1.67 -2.13 6.18
CA GLY A 394 1.94 -0.70 5.90
C GLY A 394 0.70 0.06 6.40
N LEU A 395 0.91 1.06 7.24
CA LEU A 395 -0.19 1.78 7.86
C LEU A 395 -0.23 3.20 7.25
N TYR A 396 -1.42 3.77 7.09
CA TYR A 396 -1.55 5.10 6.56
C TYR A 396 -2.83 5.75 7.10
N VAL A 397 -2.80 7.07 7.12
CA VAL A 397 -3.96 7.90 7.49
C VAL A 397 -4.61 8.36 6.17
N ARG A 398 -3.78 8.77 5.18
CA ARG A 398 -4.30 9.09 3.83
C ARG A 398 -3.30 8.62 2.76
N CYS A 399 -3.73 8.61 1.49
CA CYS A 399 -2.87 8.29 0.39
C CYS A 399 -3.47 8.92 -0.85
N HIS A 400 -2.93 8.58 -2.02
CA HIS A 400 -3.26 9.22 -3.28
C HIS A 400 -4.68 8.92 -3.68
N ASP A 401 -5.33 7.91 -3.06
CA ASP A 401 -6.68 7.50 -3.47
C ASP A 401 -7.77 8.08 -2.55
N ASP A 402 -8.99 8.14 -3.06
CA ASP A 402 -10.20 8.42 -2.29
C ASP A 402 -10.34 7.34 -1.19
N ILE A 403 -11.27 7.55 -0.27
CA ILE A 403 -11.52 6.58 0.78
C ILE A 403 -12.79 5.85 0.48
N GLY A 404 -12.76 4.51 0.46
CA GLY A 404 -14.00 3.70 0.40
C GLY A 404 -14.31 3.16 1.81
N TRP A 405 -15.54 3.25 2.24
CA TRP A 405 -15.89 2.82 3.60
C TRP A 405 -16.05 1.30 3.60
N ALA A 406 -14.93 0.58 3.68
CA ALA A 406 -14.95 -0.85 3.58
C ALA A 406 -15.20 -1.36 5.00
N ILE A 407 -16.46 -1.31 5.39
CA ILE A 407 -16.84 -1.76 6.73
C ILE A 407 -17.78 -2.96 6.54
N SER A 408 -17.51 -4.08 7.17
CA SER A 408 -18.35 -5.27 6.97
C SER A 408 -19.63 -5.21 7.84
N ASP A 409 -20.74 -5.67 7.26
CA ASP A 409 -22.00 -5.83 7.99
C ASP A 409 -21.83 -6.64 9.25
N GLU A 410 -20.97 -7.66 9.20
CA GLU A 410 -20.73 -8.54 10.33
C GLU A 410 -20.03 -7.78 11.50
N ASP A 411 -18.94 -7.03 11.22
CA ASP A 411 -18.28 -6.24 12.30
C ASP A 411 -19.25 -5.21 12.87
N ALA A 412 -19.97 -4.56 11.99
CA ALA A 412 -20.87 -3.51 12.38
C ALA A 412 -21.94 -4.09 13.33
N ALA A 413 -22.55 -5.22 12.97
CA ALA A 413 -23.58 -5.84 13.78
C ALA A 413 -23.01 -6.21 15.15
N ARG A 414 -21.75 -6.67 15.21
CA ARG A 414 -21.16 -6.97 16.52
C ARG A 414 -20.97 -5.71 17.36
N ALA A 415 -20.83 -4.56 16.69
CA ALA A 415 -20.78 -3.30 17.45
C ALA A 415 -22.16 -2.67 17.62
N GLY A 416 -23.23 -3.35 17.27
CA GLY A 416 -24.56 -2.79 17.52
C GLY A 416 -24.98 -1.75 16.46
N LEU A 417 -24.36 -1.82 15.28
CA LEU A 417 -24.66 -0.91 14.19
C LEU A 417 -25.18 -1.72 13.01
N ASN A 418 -25.93 -1.05 12.17
CA ASN A 418 -26.24 -1.50 10.82
C ASN A 418 -25.10 -1.00 9.88
N GLY A 419 -24.45 -1.90 9.16
CA GLY A 419 -23.30 -1.54 8.31
C GLY A 419 -23.63 -0.53 7.25
N ALA A 420 -24.72 -0.79 6.53
CA ALA A 420 -25.14 0.13 5.47
C ALA A 420 -25.44 1.54 6.04
N ALA A 421 -26.14 1.60 7.17
CA ALA A 421 -26.41 2.90 7.79
C ALA A 421 -25.12 3.61 8.15
N HIS A 422 -24.20 2.90 8.79
CA HIS A 422 -22.94 3.53 9.21
C HIS A 422 -22.13 3.99 7.99
N ARG A 423 -22.07 3.19 6.95
CA ARG A 423 -21.32 3.58 5.77
C ARG A 423 -21.93 4.81 5.13
N HIS A 424 -23.27 4.87 5.14
CA HIS A 424 -23.97 6.06 4.58
C HIS A 424 -23.65 7.31 5.46
N PHE A 425 -23.73 7.15 6.78
CA PHE A 425 -23.31 8.24 7.68
C PHE A 425 -21.86 8.76 7.40
N LEU A 426 -20.91 7.85 7.16
CA LEU A 426 -19.52 8.28 6.98
C LEU A 426 -19.41 9.13 5.71
N SER A 427 -20.10 8.74 4.63
CA SER A 427 -20.01 9.65 3.45
C SER A 427 -20.79 10.95 3.66
N ASP A 428 -21.90 10.91 4.40
CA ASP A 428 -22.53 12.20 4.69
C ASP A 428 -21.59 13.05 5.54
N PHE A 429 -20.93 12.42 6.49
CA PHE A 429 -20.10 13.18 7.44
C PHE A 429 -18.89 13.77 6.71
N TYR A 430 -18.18 12.93 5.95
CA TYR A 430 -16.92 13.42 5.36
C TYR A 430 -17.08 14.27 4.09
N SER A 431 -18.27 14.23 3.49
CA SER A 431 -18.53 15.17 2.40
C SER A 431 -19.03 16.49 3.02
N GLY A 432 -19.17 16.52 4.35
CA GLY A 432 -19.58 17.75 5.01
C GLY A 432 -21.06 18.02 4.92
N GLN A 433 -21.86 16.99 4.64
CA GLN A 433 -23.32 17.13 4.47
C GLN A 433 -24.03 17.02 5.82
N PHE A 434 -23.47 16.21 6.71
CA PHE A 434 -24.01 16.03 8.04
C PHE A 434 -23.82 17.33 8.86
N PRO A 435 -24.90 17.85 9.47
CA PRO A 435 -24.79 19.14 10.28
C PRO A 435 -23.75 19.07 11.43
N GLY A 436 -22.92 20.10 11.54
CA GLY A 436 -21.84 20.12 12.53
C GLY A 436 -20.56 19.29 12.18
N SER A 437 -20.56 18.60 11.02
CA SER A 437 -19.35 17.84 10.64
C SER A 437 -18.19 18.83 10.53
N PHE A 438 -17.02 18.45 10.98
CA PHE A 438 -15.86 19.32 10.82
C PHE A 438 -15.18 19.10 9.47
N ALA A 439 -15.65 18.12 8.70
CA ALA A 439 -14.89 17.62 7.51
C ALA A 439 -15.17 18.40 6.21
N ARG A 440 -14.18 18.53 5.35
CA ARG A 440 -14.39 19.15 4.04
CA ARG A 440 -14.39 19.16 4.04
C ARG A 440 -13.87 18.23 2.95
N GLY A 441 -14.60 17.15 2.66
CA GLY A 441 -14.21 16.20 1.61
C GLY A 441 -15.16 16.35 0.44
N LEU A 442 -14.90 15.66 -0.67
CA LEU A 442 -15.66 15.75 -1.90
C LEU A 442 -16.14 14.33 -2.18
N VAL A 443 -17.38 14.16 -2.65
CA VAL A 443 -17.88 12.85 -3.04
C VAL A 443 -17.12 12.40 -4.31
N PHE A 444 -16.67 11.15 -4.35
CA PHE A 444 -15.96 10.65 -5.51
C PHE A 444 -16.72 9.43 -5.99
N GLN A 445 -16.99 9.35 -7.28
CA GLN A 445 -17.68 8.16 -7.86
C GLN A 445 -19.02 7.81 -7.23
N TYR A 446 -19.82 8.82 -6.94
CA TYR A 446 -21.18 8.48 -6.55
C TYR A 446 -21.79 7.46 -7.53
N ASN A 447 -22.32 6.35 -7.02
CA ASN A 447 -22.97 5.43 -7.94
C ASN A 447 -24.50 5.41 -7.77
N PRO A 448 -25.25 6.01 -8.75
CA PRO A 448 -26.73 6.13 -8.67
C PRO A 448 -27.39 4.75 -8.54
N VAL A 449 -27.02 3.76 -9.38
CA VAL A 449 -27.59 2.41 -9.22
C VAL A 449 -27.69 1.91 -7.73
N ASN A 450 -26.60 2.02 -6.97
CA ASN A 450 -26.58 1.47 -5.58
C ASN A 450 -26.30 2.49 -4.47
N GLY A 451 -25.99 3.71 -4.85
CA GLY A 451 -25.79 4.77 -3.86
C GLY A 451 -24.41 4.75 -3.23
N ASP A 452 -23.52 3.90 -3.76
CA ASP A 452 -22.13 3.86 -3.28
C ASP A 452 -21.48 5.24 -3.41
N ARG A 453 -20.90 5.73 -2.32
CA ARG A 453 -19.98 6.90 -2.39
C ARG A 453 -18.59 6.71 -1.73
N ARG A 454 -17.58 7.26 -2.37
CA ARG A 454 -16.27 7.36 -1.76
C ARG A 454 -15.98 8.82 -1.54
N ILE A 455 -14.91 9.12 -0.82
CA ILE A 455 -14.54 10.47 -0.43
C ILE A 455 -13.09 10.86 -0.79
N SER A 456 -12.92 12.03 -1.40
CA SER A 456 -11.65 12.61 -1.64
C SER A 456 -11.47 13.80 -0.67
N GLY A 457 -10.21 14.11 -0.35
CA GLY A 457 -9.91 15.18 0.60
C GLY A 457 -8.57 14.89 1.27
N SER A 458 -7.82 15.95 1.63
CA SER A 458 -6.55 15.74 2.29
C SER A 458 -6.83 15.48 3.77
N ALA A 459 -5.87 14.88 4.47
CA ALA A 459 -6.06 14.59 5.90
C ALA A 459 -6.52 15.84 6.66
N ALA A 460 -5.80 16.96 6.45
CA ALA A 460 -6.11 18.19 7.22
C ALA A 460 -7.52 18.72 6.89
N SER A 461 -7.95 18.57 5.63
CA SER A 461 -9.30 19.08 5.34
C SER A 461 -10.37 18.12 5.91
N LEU A 462 -10.07 16.82 5.94
CA LEU A 462 -11.06 15.83 6.47
C LEU A 462 -11.14 15.91 7.97
N ALA A 463 -10.02 16.25 8.63
CA ALA A 463 -9.90 16.23 10.07
C ALA A 463 -10.33 17.56 10.69
N GLY A 464 -10.71 18.53 9.86
CA GLY A 464 -11.34 19.79 10.35
C GLY A 464 -10.54 21.07 10.23
N LEU A 465 -9.31 21.01 9.72
CA LEU A 465 -8.54 22.22 9.73
C LEU A 465 -9.02 23.22 8.68
N GLU A 466 -9.40 22.73 7.51
CA GLU A 466 -9.85 23.69 6.48
C GLU A 466 -11.10 24.43 7.04
N ALA A 467 -12.09 23.68 7.53
CA ALA A 467 -13.28 24.36 8.12
C ALA A 467 -12.85 25.24 9.34
N ALA A 468 -11.86 24.81 10.11
CA ALA A 468 -11.57 25.54 11.37
C ALA A 468 -10.95 26.91 11.00
N LEU A 469 -10.08 26.89 10.01
CA LEU A 469 -9.43 28.14 9.55
C LEU A 469 -10.43 29.18 8.96
N GLU A 470 -11.41 28.73 8.18
CA GLU A 470 -12.51 29.57 7.73
C GLU A 470 -13.24 30.27 8.91
N THR A 471 -13.59 29.53 9.94
CA THR A 471 -14.32 30.15 11.04
C THR A 471 -13.38 31.11 11.75
N GLY A 472 -12.09 30.79 11.81
CA GLY A 472 -11.19 31.53 12.68
C GLY A 472 -11.39 31.22 14.16
N ASP A 473 -12.16 30.19 14.48
CA ASP A 473 -12.41 29.85 15.88
C ASP A 473 -11.25 29.03 16.44
N PRO A 474 -10.58 29.57 17.46
CA PRO A 474 -9.40 28.94 18.08
C PRO A 474 -9.62 27.51 18.66
N GLY A 475 -10.86 27.22 19.12
CA GLY A 475 -11.24 25.93 19.65
C GLY A 475 -11.36 24.91 18.50
N ARG A 476 -11.96 25.32 17.39
CA ARG A 476 -12.05 24.45 16.22
C ARG A 476 -10.63 24.21 15.67
N ILE A 477 -9.72 25.19 15.72
CA ILE A 477 -8.38 25.00 15.14
C ILE A 477 -7.58 23.97 15.99
N GLU A 478 -7.65 24.15 17.31
CA GLU A 478 -7.08 23.26 18.31
C GLU A 478 -7.52 21.81 18.13
N ASP A 479 -8.82 21.57 18.02
CA ASP A 479 -9.36 20.24 17.85
C ASP A 479 -8.86 19.64 16.52
N ALA A 480 -8.73 20.43 15.44
CA ALA A 480 -8.31 19.87 14.16
C ALA A 480 -6.84 19.41 14.25
N VAL A 481 -5.99 20.27 14.78
CA VAL A 481 -4.61 19.90 15.10
C VAL A 481 -4.53 18.63 15.94
N ARG A 482 -5.30 18.53 17.04
CA ARG A 482 -5.25 17.34 17.89
C ARG A 482 -5.72 16.08 17.19
N ARG A 483 -6.71 16.22 16.34
CA ARG A 483 -7.19 15.03 15.57
C ARG A 483 -6.09 14.59 14.63
N LEU A 484 -5.40 15.54 14.01
CA LEU A 484 -4.37 15.16 13.03
C LEU A 484 -3.26 14.39 13.75
N LEU A 485 -2.89 14.82 14.92
CA LEU A 485 -1.82 14.19 15.68
C LEU A 485 -2.24 12.82 16.23
N LEU A 486 -3.49 12.69 16.65
CA LEU A 486 -4.00 11.43 17.16
C LEU A 486 -3.98 10.42 16.01
N LEU A 487 -4.50 10.83 14.84
CA LEU A 487 -4.43 9.93 13.68
C LEU A 487 -3.03 9.36 13.46
N HIS A 488 -2.05 10.25 13.39
CA HIS A 488 -0.63 9.87 13.13
C HIS A 488 -0.04 9.11 14.33
N THR A 489 -0.46 9.39 15.57
CA THR A 489 0.01 8.58 16.70
C THR A 489 -0.40 7.08 16.53
N VAL A 490 -1.64 6.85 16.11
CA VAL A 490 -2.11 5.45 16.03
C VAL A 490 -1.29 4.69 14.96
N ILE A 491 -1.05 5.28 13.77
CA ILE A 491 -0.33 4.54 12.72
C ILE A 491 1.14 4.36 13.08
N LEU A 492 1.70 5.29 13.87
CA LEU A 492 3.10 5.20 14.36
C LEU A 492 3.24 4.11 15.44
N GLY A 493 2.18 3.85 16.18
CA GLY A 493 2.23 2.95 17.33
C GLY A 493 1.66 1.56 17.04
N PHE A 494 1.04 1.39 15.90
CA PHE A 494 0.20 0.20 15.70
C PHE A 494 0.99 -1.09 15.46
N GLY A 495 2.15 -0.96 14.79
CA GLY A 495 3.03 -2.09 14.50
C GLY A 495 2.99 -2.25 13.00
N GLY A 496 4.09 -1.89 12.39
CA GLY A 496 4.16 -1.79 10.92
C GLY A 496 4.80 -0.47 10.50
N VAL A 497 4.96 -0.29 9.20
CA VAL A 497 5.70 0.83 8.70
C VAL A 497 4.65 1.87 8.48
N PRO A 498 4.79 3.01 9.15
CA PRO A 498 3.83 4.09 8.91
C PRO A 498 4.19 4.84 7.60
N LEU A 499 3.19 5.07 6.73
CA LEU A 499 3.43 5.61 5.39
C LEU A 499 2.88 7.01 5.33
N LEU A 500 3.75 7.96 5.70
CA LEU A 500 3.38 9.38 5.74
C LEU A 500 3.07 9.87 4.33
N TYR A 501 1.95 10.55 4.16
CA TYR A 501 1.59 11.04 2.84
C TYR A 501 2.13 12.47 2.71
N MET A 502 2.87 12.74 1.62
CA MET A 502 3.59 14.00 1.41
C MET A 502 2.78 15.21 1.78
N GLY A 503 3.30 16.01 2.70
CA GLY A 503 2.63 17.26 3.12
C GLY A 503 1.70 17.13 4.31
N ASP A 504 1.29 15.91 4.67
CA ASP A 504 0.52 15.71 5.88
C ASP A 504 1.27 16.22 7.06
N GLU A 505 2.60 16.16 7.02
CA GLU A 505 3.41 16.73 8.12
C GLU A 505 3.32 18.27 8.14
N LEU A 506 2.81 18.88 7.07
CA LEU A 506 2.62 20.34 7.04
C LEU A 506 1.12 20.64 7.13
N ALA A 507 0.30 19.64 7.41
CA ALA A 507 -1.17 19.83 7.37
C ALA A 507 -1.72 20.46 6.07
N LEU A 508 -1.29 20.00 4.90
CA LEU A 508 -1.81 20.58 3.62
C LEU A 508 -3.31 20.33 3.43
N LEU A 509 -3.98 21.38 2.99
CA LEU A 509 -5.44 21.36 2.80
C LEU A 509 -5.76 20.98 1.34
N ASN A 510 -7.02 20.59 1.11
CA ASN A 510 -7.54 20.43 -0.21
C ASN A 510 -7.00 21.48 -1.19
N ASP A 511 -6.60 21.02 -2.37
CA ASP A 511 -6.11 21.90 -3.45
C ASP A 511 -7.24 22.02 -4.46
N TYR A 512 -8.17 22.98 -4.30
CA TYR A 512 -9.29 23.09 -5.26
C TYR A 512 -8.90 23.58 -6.66
N ALA A 513 -7.67 24.03 -6.84
CA ALA A 513 -7.17 24.36 -8.18
C ALA A 513 -7.03 23.16 -9.16
N PHE A 514 -7.34 21.93 -8.74
CA PHE A 514 -7.36 20.83 -9.72
C PHE A 514 -8.44 20.99 -10.81
N GLU A 515 -9.51 21.67 -10.47
CA GLU A 515 -10.55 22.00 -11.46
C GLU A 515 -10.04 22.83 -12.65
N ASP A 516 -8.93 23.54 -12.49
CA ASP A 516 -8.38 24.38 -13.53
C ASP A 516 -7.33 23.66 -14.41
N VAL A 517 -7.12 22.36 -14.17
CA VAL A 517 -6.23 21.59 -15.03
C VAL A 517 -7.07 20.56 -15.76
N PRO A 518 -7.22 20.74 -17.09
CA PRO A 518 -8.14 19.86 -17.82
C PRO A 518 -7.87 18.37 -17.62
N GLU A 519 -6.60 17.98 -17.51
CA GLU A 519 -6.23 16.54 -17.30
C GLU A 519 -6.73 16.00 -15.91
N HIS A 520 -6.90 16.91 -14.95
CA HIS A 520 -7.28 16.60 -13.58
C HIS A 520 -8.73 16.86 -13.21
N ALA A 521 -9.33 17.92 -13.82
CA ALA A 521 -10.70 18.36 -13.50
C ALA A 521 -11.73 17.24 -13.27
N PRO A 522 -11.75 16.21 -14.11
CA PRO A 522 -12.80 15.23 -13.89
C PRO A 522 -12.59 14.30 -12.67
N ASP A 523 -11.40 14.34 -12.08
CA ASP A 523 -10.97 13.31 -11.10
C ASP A 523 -10.66 14.03 -9.80
N ASN A 524 -11.63 14.13 -8.87
CA ASN A 524 -11.37 14.98 -7.69
C ASN A 524 -10.36 14.36 -6.69
N ARG A 525 -9.85 13.16 -6.95
CA ARG A 525 -8.69 12.70 -6.15
C ARG A 525 -7.53 13.69 -6.18
N TRP A 526 -7.40 14.45 -7.27
CA TRP A 526 -6.32 15.40 -7.33
C TRP A 526 -6.40 16.49 -6.27
N VAL A 527 -7.60 16.70 -5.70
CA VAL A 527 -7.75 17.62 -4.57
C VAL A 527 -6.77 17.30 -3.38
N HIS A 528 -6.40 16.03 -3.22
CA HIS A 528 -5.54 15.64 -2.09
C HIS A 528 -4.23 15.15 -2.66
N ARG A 529 -3.88 15.67 -3.84
CA ARG A 529 -2.54 15.40 -4.36
C ARG A 529 -1.87 16.76 -4.65
N PRO A 530 -1.63 17.57 -3.58
CA PRO A 530 -1.08 18.91 -3.80
C PRO A 530 0.40 18.93 -4.23
N GLN A 531 0.82 20.08 -4.76
CA GLN A 531 2.25 20.38 -4.84
C GLN A 531 2.81 20.52 -3.42
N MET A 532 4.06 20.14 -3.22
CA MET A 532 4.74 20.35 -1.95
C MET A 532 4.85 21.88 -1.75
N ASP A 533 4.73 22.33 -0.50
CA ASP A 533 4.80 23.74 -0.20
C ASP A 533 6.13 23.99 0.55
N TRP A 534 7.20 24.26 -0.18
CA TRP A 534 8.50 24.34 0.46
C TRP A 534 8.65 25.59 1.35
N ALA A 535 7.97 26.68 0.94
CA ALA A 535 7.89 27.92 1.69
C ALA A 535 7.24 27.59 3.03
N LEU A 536 6.13 26.86 2.99
CA LEU A 536 5.54 26.42 4.24
C LEU A 536 6.47 25.53 5.10
N ALA A 537 7.22 24.61 4.48
CA ALA A 537 8.16 23.76 5.17
C ALA A 537 9.16 24.67 5.87
N GLU A 538 9.63 25.71 5.19
CA GLU A 538 10.59 26.65 5.86
C GLU A 538 9.92 27.45 6.99
N ARG A 539 8.68 27.93 6.78
CA ARG A 539 7.99 28.67 7.84
C ARG A 539 7.74 27.87 9.11
N VAL A 540 7.39 26.58 9.00
CA VAL A 540 7.05 25.83 10.22
C VAL A 540 8.34 25.56 10.92
N ARG A 541 9.44 25.53 10.18
CA ARG A 541 10.75 25.23 10.85
C ARG A 541 11.10 26.48 11.71
N GLN A 542 10.73 27.66 11.20
CA GLN A 542 11.10 28.84 11.94
C GLN A 542 10.00 29.34 12.85
N GLU A 543 8.78 28.89 12.60
CA GLU A 543 7.67 29.39 13.42
C GLU A 543 6.74 28.24 13.80
N PRO A 544 7.09 27.47 14.88
CA PRO A 544 6.36 26.21 15.11
C PRO A 544 5.00 26.28 15.77
N SER A 545 4.49 27.50 16.06
CA SER A 545 3.28 27.63 16.84
C SER A 545 2.05 27.75 15.97
N SER A 546 2.23 27.89 14.66
CA SER A 546 1.05 27.91 13.79
C SER A 546 0.39 26.52 13.79
N PRO A 547 -0.81 26.38 13.16
CA PRO A 547 -1.42 25.04 13.21
C PRO A 547 -0.60 24.01 12.43
N ALA A 548 -0.17 24.34 11.21
CA ALA A 548 0.78 23.50 10.48
C ALA A 548 2.04 23.23 11.30
N GLY A 549 2.59 24.29 11.90
CA GLY A 549 3.74 24.13 12.77
C GLY A 549 3.55 23.14 13.95
N ARG A 550 2.40 23.19 14.61
CA ARG A 550 2.17 22.29 15.73
C ARG A 550 1.99 20.85 15.25
N VAL A 551 1.39 20.68 14.07
CA VAL A 551 1.28 19.30 13.47
C VAL A 551 2.67 18.82 13.13
N ASN A 552 3.47 19.70 12.56
CA ASN A 552 4.84 19.35 12.25
C ASN A 552 5.70 18.98 13.46
N THR A 553 5.74 19.84 14.46
N THR A 553 5.76 19.84 14.47
CA THR A 553 6.52 19.61 15.67
CA THR A 553 6.61 19.53 15.63
C THR A 553 6.03 18.35 16.36
C THR A 553 6.04 18.33 16.40
N GLY A 554 4.70 18.25 16.49
CA GLY A 554 4.08 17.12 17.10
C GLY A 554 4.42 15.81 16.40
N LEU A 555 4.38 15.79 15.07
CA LEU A 555 4.65 14.57 14.32
C LEU A 555 6.12 14.22 14.47
N ARG A 556 6.99 15.22 14.44
CA ARG A 556 8.41 14.91 14.57
C ARG A 556 8.72 14.30 15.94
N HIS A 557 8.09 14.82 16.98
CA HIS A 557 8.28 14.26 18.34
C HIS A 557 7.82 12.78 18.37
N LEU A 558 6.64 12.52 17.80
CA LEU A 558 6.07 11.14 17.75
C LEU A 558 7.00 10.18 17.00
N LEU A 559 7.61 10.65 15.91
CA LEU A 559 8.56 9.86 15.14
C LEU A 559 9.78 9.50 15.97
N ARG A 560 10.31 10.45 16.77
CA ARG A 560 11.44 10.17 17.65
C ARG A 560 11.05 9.14 18.72
N VAL A 561 9.88 9.32 19.35
CA VAL A 561 9.44 8.34 20.34
C VAL A 561 9.26 6.95 19.67
N ARG A 562 8.67 6.91 18.47
CA ARG A 562 8.42 5.59 17.81
C ARG A 562 9.73 4.82 17.67
N ARG A 563 10.73 5.51 17.11
CA ARG A 563 12.00 4.86 16.88
C ARG A 563 12.73 4.38 18.15
N ASP A 564 12.37 4.89 19.31
CA ASP A 564 13.04 4.47 20.55
C ASP A 564 12.07 3.62 21.36
N THR A 565 11.03 3.08 20.72
CA THR A 565 10.10 2.25 21.45
C THR A 565 10.22 0.79 20.93
N PRO A 566 11.02 -0.07 21.62
CA PRO A 566 11.23 -1.45 21.14
C PRO A 566 9.96 -2.27 21.04
N GLN A 567 8.91 -1.93 21.80
CA GLN A 567 7.66 -2.64 21.75
C GLN A 567 6.93 -2.50 20.44
N LEU A 568 7.43 -1.67 19.54
CA LEU A 568 6.75 -1.44 18.26
C LEU A 568 7.22 -2.36 17.17
N HIS A 569 8.13 -3.28 17.52
CA HIS A 569 8.59 -4.24 16.55
C HIS A 569 7.42 -4.91 15.85
N ALA A 570 7.46 -4.96 14.50
CA ALA A 570 6.25 -5.32 13.77
C ALA A 570 6.04 -6.86 13.79
N SER A 571 7.02 -7.61 14.25
CA SER A 571 6.72 -9.06 14.53
C SER A 571 5.59 -9.30 15.53
N ILE A 572 5.33 -8.30 16.35
CA ILE A 572 4.26 -8.36 17.38
C ILE A 572 3.04 -7.57 16.83
N GLU A 573 1.83 -8.14 16.96
CA GLU A 573 0.59 -7.50 16.61
C GLU A 573 -0.14 -6.88 17.82
N SER A 574 -0.68 -5.69 17.60
CA SER A 574 -1.49 -5.01 18.60
C SER A 574 -2.76 -5.82 18.77
N GLN A 575 -3.24 -5.92 19.99
CA GLN A 575 -4.44 -6.69 20.25
C GLN A 575 -5.44 -5.73 20.96
N VAL A 576 -6.72 -5.91 20.69
CA VAL A 576 -7.66 -5.08 21.33
C VAL A 576 -7.78 -5.38 22.82
N LEU A 577 -7.74 -4.35 23.67
CA LEU A 577 -8.12 -4.52 25.07
C LEU A 577 -9.51 -3.89 25.28
N PRO A 578 -10.56 -4.70 25.52
CA PRO A 578 -11.91 -4.10 25.43
C PRO A 578 -12.06 -2.86 26.36
N SER A 579 -12.62 -1.78 25.84
CA SER A 579 -12.64 -0.52 26.57
C SER A 579 -13.96 -0.45 27.33
N PRO A 580 -13.94 0.05 28.58
CA PRO A 580 -15.20 0.24 29.31
C PRO A 580 -15.89 1.53 28.83
N ASP A 581 -15.19 2.37 28.06
CA ASP A 581 -15.82 3.64 27.65
C ASP A 581 -15.71 3.66 26.13
N SER A 582 -16.86 3.85 25.48
CA SER A 582 -16.91 3.79 24.03
C SER A 582 -16.19 4.98 23.31
N ARG A 583 -15.72 5.99 24.04
CA ARG A 583 -14.95 7.08 23.41
C ARG A 583 -13.45 6.73 23.27
N ALA A 584 -13.02 5.63 23.92
CA ALA A 584 -11.61 5.31 24.01
C ALA A 584 -11.26 3.97 23.35
N LEU A 585 -10.05 3.86 22.79
CA LEU A 585 -9.57 2.65 22.19
C LEU A 585 -8.30 2.27 22.95
N LEU A 586 -8.24 1.02 23.39
CA LEU A 586 -7.10 0.53 24.11
C LEU A 586 -6.49 -0.61 23.29
N LEU A 587 -5.20 -0.47 22.96
CA LEU A 587 -4.51 -1.54 22.25
C LEU A 587 -3.40 -2.07 23.10
N ARG A 588 -3.27 -3.38 23.17
CA ARG A 588 -2.20 -3.98 23.97
C ARG A 588 -1.13 -4.60 23.03
N ARG A 589 0.14 -4.48 23.39
CA ARG A 589 1.26 -5.09 22.65
C ARG A 589 2.12 -5.80 23.67
N ASP A 590 2.18 -7.13 23.57
N ASP A 590 2.23 -7.12 23.55
CA ASP A 590 3.03 -7.90 24.47
CA ASP A 590 3.04 -7.92 24.50
C ASP A 590 4.43 -7.91 23.88
C ASP A 590 4.43 -8.22 23.95
N HIS A 591 5.46 -7.85 24.72
CA HIS A 591 6.81 -7.75 24.20
C HIS A 591 7.74 -8.36 25.25
N PRO A 592 8.87 -9.00 24.87
CA PRO A 592 9.77 -9.57 25.84
C PRO A 592 10.16 -8.71 27.01
N LEU A 593 10.30 -7.40 26.86
CA LEU A 593 10.72 -6.54 28.01
C LEU A 593 9.55 -5.99 28.83
N GLY A 594 8.32 -6.40 28.54
CA GLY A 594 7.19 -5.83 29.26
C GLY A 594 6.17 -5.27 28.28
N GLY A 595 4.91 -5.47 28.61
CA GLY A 595 3.81 -5.00 27.75
C GLY A 595 3.68 -3.48 27.55
N MET A 596 2.88 -3.11 26.55
CA MET A 596 2.52 -1.71 26.38
C MET A 596 1.04 -1.72 26.20
N VAL A 597 0.36 -0.69 26.75
CA VAL A 597 -1.03 -0.36 26.40
C VAL A 597 -1.06 1.04 25.83
N GLN A 598 -1.57 1.13 24.60
CA GLN A 598 -1.72 2.42 23.97
C GLN A 598 -3.16 2.82 24.25
N VAL A 599 -3.35 4.03 24.71
CA VAL A 599 -4.70 4.48 25.03
C VAL A 599 -5.09 5.70 24.19
N TYR A 600 -6.22 5.64 23.48
CA TYR A 600 -6.59 6.76 22.58
C TYR A 600 -8.00 7.30 22.84
N ASN A 601 -8.14 8.60 23.03
CA ASN A 601 -9.46 9.19 23.18
C ASN A 601 -9.87 9.75 21.79
N PHE A 602 -10.89 9.14 21.19
CA PHE A 602 -11.46 9.51 19.92
C PHE A 602 -12.55 10.56 20.01
N SER A 603 -12.68 11.16 21.18
CA SER A 603 -13.68 12.22 21.44
C SER A 603 -13.00 13.56 21.81
N GLU A 604 -13.68 14.68 21.57
CA GLU A 604 -13.24 15.96 22.07
C GLU A 604 -13.47 16.07 23.60
N GLU A 605 -14.29 15.17 24.15
CA GLU A 605 -14.63 15.18 25.61
C GLU A 605 -13.54 14.61 26.49
N THR A 606 -13.49 15.03 27.75
CA THR A 606 -12.56 14.50 28.71
C THR A 606 -13.14 13.18 29.23
N VAL A 607 -12.41 12.10 29.03
CA VAL A 607 -12.82 10.79 29.48
C VAL A 607 -12.09 10.47 30.80
N MET A 608 -12.84 10.08 31.84
CA MET A 608 -12.19 9.59 33.05
C MET A 608 -12.30 8.08 32.92
N LEU A 609 -11.22 7.48 32.42
CA LEU A 609 -11.16 6.06 32.18
C LEU A 609 -10.94 5.30 33.48
N PRO A 610 -11.80 4.34 33.80
CA PRO A 610 -11.56 3.50 34.98
C PRO A 610 -10.17 2.83 34.90
N SER A 611 -9.36 2.99 35.95
CA SER A 611 -7.95 2.61 35.96
C SER A 611 -7.67 1.10 35.89
N HIS A 612 -8.64 0.26 36.26
CA HIS A 612 -8.34 -1.13 36.54
C HIS A 612 -8.10 -1.84 35.23
N VAL A 613 -8.80 -1.42 34.18
CA VAL A 613 -8.55 -2.01 32.88
C VAL A 613 -7.07 -1.90 32.50
N LEU A 614 -6.39 -0.80 32.85
CA LEU A 614 -4.95 -0.68 32.60
C LEU A 614 -4.07 -1.34 33.69
N ARG A 615 -4.48 -1.17 34.96
CA ARG A 615 -3.72 -1.72 36.09
C ARG A 615 -3.62 -3.23 35.95
N ASP A 616 -4.73 -3.88 35.58
CA ASP A 616 -4.75 -5.33 35.41
C ASP A 616 -3.70 -5.82 34.42
N VAL A 617 -3.33 -4.95 33.48
CA VAL A 617 -2.33 -5.36 32.46
C VAL A 617 -0.92 -4.94 32.82
N LEU A 618 -0.73 -3.73 33.33
CA LEU A 618 0.59 -3.23 33.58
C LEU A 618 0.97 -3.04 35.06
N GLY A 619 0.06 -3.24 36.00
CA GLY A 619 0.38 -2.96 37.41
C GLY A 619 0.11 -1.49 37.79
N ASP A 620 0.60 -1.11 38.98
CA ASP A 620 0.21 0.12 39.66
C ASP A 620 0.99 1.35 39.19
N HIS A 621 2.16 1.15 38.59
CA HIS A 621 3.06 2.24 38.27
C HIS A 621 3.45 2.25 36.78
N VAL A 622 2.99 3.23 36.02
CA VAL A 622 3.38 3.22 34.59
C VAL A 622 4.07 4.51 34.11
N GLN A 623 4.86 4.40 33.03
CA GLN A 623 5.28 5.63 32.30
C GLN A 623 4.59 5.78 30.95
N ASP A 624 4.30 7.02 30.57
CA ASP A 624 3.83 7.34 29.25
C ASP A 624 5.03 7.71 28.39
N ARG A 625 5.32 6.90 27.39
CA ARG A 625 6.40 7.18 26.45
C ARG A 625 6.24 8.53 25.68
N LEU A 626 4.98 8.97 25.48
CA LEU A 626 4.73 10.14 24.66
C LEU A 626 4.97 11.45 25.40
N SER A 627 4.73 11.49 26.70
CA SER A 627 4.90 12.79 27.39
C SER A 627 6.06 12.64 28.36
N GLY A 628 6.51 11.41 28.57
CA GLY A 628 7.63 11.14 29.50
C GLY A 628 7.18 10.99 30.95
N SER A 629 6.06 11.64 31.33
CA SER A 629 5.49 11.58 32.71
C SER A 629 5.04 10.15 33.25
N ALA A 630 4.44 10.10 34.46
CA ALA A 630 3.94 8.88 35.13
C ALA A 630 2.40 8.84 35.31
N PHE A 631 1.83 7.65 35.55
CA PHE A 631 0.46 7.56 36.08
C PHE A 631 0.42 6.54 37.20
N ARG A 632 -0.44 6.75 38.20
CA ARG A 632 -0.65 5.75 39.23
C ARG A 632 -2.02 5.09 38.99
N LEU A 633 -1.99 3.85 38.60
CA LEU A 633 -3.19 3.17 38.20
C LEU A 633 -3.92 2.59 39.40
N ASP A 634 -3.49 2.99 40.59
CA ASP A 634 -4.17 2.60 41.82
C ASP A 634 -5.24 3.66 42.22
N ARG A 635 -5.11 4.88 41.68
CA ARG A 635 -6.20 5.89 41.70
C ARG A 635 -7.37 5.29 40.94
N PRO A 636 -8.59 5.82 41.15
CA PRO A 636 -9.71 5.14 40.48
C PRO A 636 -9.88 5.46 39.00
N THR A 637 -9.37 6.60 38.55
CA THR A 637 -9.51 6.93 37.13
C THR A 637 -8.29 7.64 36.62
N VAL A 638 -8.14 7.62 35.30
CA VAL A 638 -7.04 8.28 34.57
C VAL A 638 -7.79 9.27 33.68
N ARG A 639 -7.31 10.50 33.70
CA ARG A 639 -7.96 11.57 33.01
C ARG A 639 -7.39 11.70 31.58
N LEU A 640 -8.24 11.52 30.59
CA LEU A 640 -7.83 11.73 29.20
C LEU A 640 -8.57 12.89 28.60
N GLU A 641 -7.86 14.01 28.39
N GLU A 641 -7.88 14.01 28.41
CA GLU A 641 -8.43 15.18 27.71
CA GLU A 641 -8.51 15.15 27.77
C GLU A 641 -8.80 14.79 26.26
C GLU A 641 -8.79 14.80 26.28
N GLY A 642 -9.55 15.66 25.57
CA GLY A 642 -9.91 15.40 24.16
C GLY A 642 -8.72 14.95 23.36
N TYR A 643 -8.88 13.85 22.60
CA TYR A 643 -7.87 13.36 21.67
C TYR A 643 -6.53 13.00 22.28
N ARG A 644 -6.46 12.92 23.61
CA ARG A 644 -5.27 12.44 24.27
C ARG A 644 -4.85 11.06 23.77
N ALA A 645 -3.55 10.86 23.52
CA ALA A 645 -2.98 9.55 23.36
C ALA A 645 -1.97 9.25 24.49
N LEU A 646 -2.01 8.02 24.99
CA LEU A 646 -0.93 7.57 25.90
C LEU A 646 -0.27 6.29 25.36
N TRP A 647 1.05 6.16 25.52
CA TRP A 647 1.74 4.86 25.22
C TRP A 647 2.33 4.39 26.55
N LEU A 648 1.57 3.60 27.29
CA LEU A 648 2.00 3.23 28.65
C LEU A 648 2.80 1.96 28.67
N THR A 649 3.92 2.00 29.37
CA THR A 649 4.62 0.75 29.81
C THR A 649 4.87 0.76 31.33
N ALA A 650 5.15 -0.41 31.92
CA ALA A 650 5.32 -0.54 33.39
C ALA A 650 6.47 0.31 33.95
N GLY A 651 6.29 0.84 35.16
CA GLY A 651 7.37 1.58 35.80
C GLY A 651 6.89 2.60 36.84
#